data_7NX0
#
_entry.id   7NX0
#
_cell.length_a   129.110
_cell.length_b   129.110
_cell.length_c   109.750
_cell.angle_alpha   90.000
_cell.angle_beta   90.000
_cell.angle_gamma   120.000
#
_symmetry.space_group_name_H-M   'P 61'
#
loop_
_entity.id
_entity.type
_entity.pdbx_description
1 polymer 'Leukocyte tyrosine kinase receptor'
2 polymer Nb3.16
3 polymer 'ALK and LTK ligand 1'
4 non-polymer 'SODIUM ION'
5 water water
#
loop_
_entity_poly.entity_id
_entity_poly.type
_entity_poly.pdbx_seq_one_letter_code
_entity_poly.pdbx_strand_id
1 'polypeptide(L)'
;GTEGSWLFSTCGASGRHGPTQTQCDGAYAGTSVVVTVGAAGQLRGVQLWRVPGPGQYLISAYGAAGGKGAKNHLSRAHGV
FVSAIFSLGLGESLYILVGQQGEDACPGGSPESQLVCLGESRAVEEHAAMDGSEGVPGSRRWAGGGGGGGGATYVFRVRA
GELEPLLVAAGGGGRAYLRPRDRGRTQASPEKLENRSEAPGSGGRGGAAGGGGGWTSRAPSPQAGRSLQEGAEGGQGCSE
AWATLGWAAAGGFGGGGGACTAGGGGGGYRGGDASETDNLWADGEDGVSFIHPSSELFLQPLAVTENHGEVEIRRHGTDE
VD
;
C,B
2 'polypeptide(L)'
;QVQLQESGGGLVQTGGSLRLSCTASGRTFSSLAMGWFRQAPGKEREFVAAISWSTGITDYSDSVKGRFTMSRDNAKSTVY
LQMNSLKPEDTAVYYCAAVDRHSPGSAWYNRNFGSWGQGTQVTVSS
;
D,E
3 'polypeptide(L)' PSGSRSAEIFPRDSNLKDKFIKHFTGPVTFSPECSKHFHRLYYNTRECSTPAYYKRCARLLTRLAVSPLCSQTGTDEVD A
#
# COMPACT_ATOMS: atom_id res chain seq x y z
N GLY A 4 -5.87 -13.60 -24.54
CA GLY A 4 -6.52 -12.31 -24.36
C GLY A 4 -5.73 -11.24 -23.63
N SER A 5 -5.44 -11.48 -22.35
CA SER A 5 -4.85 -10.49 -21.46
C SER A 5 -3.68 -11.06 -20.66
N TRP A 6 -2.62 -10.28 -20.52
CA TRP A 6 -1.42 -10.71 -19.82
C TRP A 6 -1.02 -9.64 -18.80
N LEU A 7 -0.98 -10.03 -17.53
CA LEU A 7 -0.73 -9.12 -16.42
C LEU A 7 0.60 -9.45 -15.76
N PHE A 8 1.48 -8.46 -15.65
CA PHE A 8 2.79 -8.67 -15.04
C PHE A 8 2.88 -7.83 -13.78
N SER A 9 3.50 -8.39 -12.76
CA SER A 9 3.62 -7.75 -11.46
C SER A 9 5.06 -7.77 -10.99
N THR A 10 5.32 -7.35 -9.75
CA THR A 10 6.64 -7.51 -9.17
C THR A 10 6.86 -8.93 -8.63
N CYS A 11 5.90 -9.82 -8.82
CA CYS A 11 6.01 -11.21 -8.35
C CYS A 11 6.13 -11.28 -6.84
N GLY A 12 5.58 -10.27 -6.15
CA GLY A 12 5.64 -10.20 -4.71
C GLY A 12 6.89 -9.57 -4.17
N ALA A 13 7.81 -9.16 -5.03
CA ALA A 13 9.03 -8.51 -4.60
C ALA A 13 8.77 -7.06 -4.26
N SER A 14 9.50 -6.57 -3.26
CA SER A 14 9.49 -5.19 -2.79
C SER A 14 10.93 -4.72 -2.66
N GLY A 15 11.12 -3.41 -2.50
CA GLY A 15 12.43 -2.88 -2.13
C GLY A 15 13.30 -2.67 -3.35
N ARG A 16 14.61 -2.58 -3.11
CA ARG A 16 15.50 -2.17 -4.20
C ARG A 16 15.88 -3.32 -5.14
N HIS A 17 15.68 -4.58 -4.72
CA HIS A 17 16.06 -5.74 -5.54
C HIS A 17 14.85 -6.34 -6.25
N GLY A 18 15.06 -6.78 -7.50
CA GLY A 18 14.00 -7.37 -8.29
C GLY A 18 13.71 -8.82 -7.91
N PRO A 19 12.67 -9.36 -8.54
CA PRO A 19 12.22 -10.72 -8.21
C PRO A 19 13.11 -11.82 -8.79
N THR A 20 12.93 -13.02 -8.25
CA THR A 20 13.59 -14.23 -8.74
C THR A 20 12.63 -15.07 -9.57
N GLN A 21 13.19 -16.06 -10.27
CA GLN A 21 12.36 -17.01 -11.02
C GLN A 21 11.33 -17.68 -10.11
N THR A 22 11.76 -18.13 -8.94
CA THR A 22 10.83 -18.79 -8.02
C THR A 22 9.65 -17.88 -7.72
N GLN A 23 9.92 -16.60 -7.46
CA GLN A 23 8.84 -15.70 -7.07
C GLN A 23 7.86 -15.52 -8.22
N CYS A 24 8.36 -15.32 -9.43
CA CYS A 24 7.45 -15.13 -10.54
C CYS A 24 6.73 -16.40 -10.90
N ASP A 25 7.40 -17.57 -10.84
CA ASP A 25 6.67 -18.81 -11.09
C ASP A 25 5.51 -18.95 -10.12
N GLY A 26 5.74 -18.64 -8.84
CA GLY A 26 4.66 -18.69 -7.88
C GLY A 26 3.56 -17.69 -8.21
N ALA A 27 3.95 -16.48 -8.64
CA ALA A 27 2.96 -15.45 -8.89
C ALA A 27 2.05 -15.81 -10.06
N TYR A 28 2.62 -16.37 -11.12
CA TYR A 28 1.93 -16.52 -12.40
C TYR A 28 1.29 -17.89 -12.57
N ALA A 29 1.36 -18.77 -11.57
CA ALA A 29 0.69 -20.05 -11.68
C ALA A 29 -0.81 -19.86 -11.84
N GLY A 30 -1.40 -20.60 -12.76
CA GLY A 30 -2.80 -20.48 -13.04
C GLY A 30 -3.17 -19.25 -13.84
N THR A 31 -2.20 -18.45 -14.25
CA THR A 31 -2.50 -17.32 -15.12
C THR A 31 -2.00 -17.59 -16.53
N SER A 32 -2.32 -16.64 -17.43
CA SER A 32 -1.89 -16.72 -18.82
C SER A 32 -0.43 -16.39 -19.01
N VAL A 33 0.30 -16.05 -17.95
CA VAL A 33 1.65 -15.51 -18.07
C VAL A 33 2.68 -16.56 -17.72
N VAL A 34 3.69 -16.70 -18.58
CA VAL A 34 4.91 -17.46 -18.31
C VAL A 34 6.06 -16.52 -18.58
N VAL A 35 7.01 -16.41 -17.65
CA VAL A 35 8.19 -15.61 -17.91
C VAL A 35 9.45 -16.34 -17.49
N THR A 36 10.57 -15.90 -18.07
CA THR A 36 11.90 -16.23 -17.60
C THR A 36 12.45 -15.01 -16.90
N VAL A 37 12.86 -15.15 -15.64
CA VAL A 37 13.35 -14.02 -14.86
C VAL A 37 14.86 -14.01 -14.96
N GLY A 38 15.43 -12.84 -15.25
CA GLY A 38 16.86 -12.70 -15.28
C GLY A 38 17.46 -13.08 -13.93
N ALA A 39 18.47 -13.95 -13.96
CA ALA A 39 19.03 -14.52 -12.76
C ALA A 39 20.15 -13.68 -12.16
N ALA A 40 20.83 -12.89 -12.98
CA ALA A 40 21.99 -12.20 -12.45
C ALA A 40 22.51 -11.20 -13.46
N GLY A 41 23.29 -10.25 -12.96
CA GLY A 41 23.92 -9.28 -13.81
C GLY A 41 22.94 -8.20 -14.24
N GLN A 42 23.16 -7.69 -15.45
CA GLN A 42 22.52 -6.46 -15.89
C GLN A 42 21.00 -6.56 -15.88
N LEU A 43 20.44 -7.68 -16.28
CA LEU A 43 19.00 -7.81 -16.34
C LEU A 43 18.45 -8.73 -15.25
N ARG A 44 19.16 -8.83 -14.14
CA ARG A 44 18.59 -9.54 -12.99
C ARG A 44 17.22 -8.97 -12.64
N GLY A 45 16.23 -9.85 -12.57
CA GLY A 45 14.90 -9.47 -12.15
C GLY A 45 14.00 -8.98 -13.27
N VAL A 46 14.50 -8.91 -14.49
CA VAL A 46 13.70 -8.57 -15.65
C VAL A 46 13.00 -9.82 -16.17
N GLN A 47 11.75 -9.66 -16.56
CA GLN A 47 10.91 -10.77 -16.98
C GLN A 47 10.88 -10.85 -18.51
N LEU A 48 11.30 -11.98 -19.04
CA LEU A 48 11.31 -12.24 -20.48
C LEU A 48 10.04 -12.99 -20.84
N TRP A 49 9.26 -12.40 -21.73
CA TRP A 49 7.94 -12.89 -22.11
C TRP A 49 7.92 -13.13 -23.60
N ARG A 50 7.48 -14.31 -24.00
CA ARG A 50 7.39 -14.62 -25.43
C ARG A 50 6.09 -14.05 -26.01
N VAL A 51 6.22 -13.25 -27.05
CA VAL A 51 5.03 -12.68 -27.67
C VAL A 51 4.28 -13.78 -28.41
N PRO A 52 2.98 -13.97 -28.15
CA PRO A 52 2.26 -15.09 -28.78
C PRO A 52 1.74 -14.74 -30.17
N GLY A 53 2.66 -14.59 -31.10
CA GLY A 53 2.31 -14.42 -32.49
C GLY A 53 2.25 -12.97 -32.90
N PRO A 54 2.38 -12.71 -34.19
CA PRO A 54 2.37 -11.32 -34.67
C PRO A 54 1.00 -10.70 -34.49
N GLY A 55 0.98 -9.39 -34.35
CA GLY A 55 -0.26 -8.67 -34.21
C GLY A 55 -0.05 -7.36 -33.46
N GLN A 56 -1.17 -6.66 -33.25
CA GLN A 56 -1.17 -5.40 -32.54
C GLN A 56 -1.44 -5.64 -31.06
N TYR A 57 -0.62 -5.05 -30.22
CA TYR A 57 -0.70 -5.21 -28.77
C TYR A 57 -0.76 -3.84 -28.14
N LEU A 58 -1.79 -3.62 -27.33
CA LEU A 58 -1.90 -2.44 -26.49
C LEU A 58 -1.17 -2.74 -25.19
N ILE A 59 -0.04 -2.05 -24.98
CA ILE A 59 0.80 -2.26 -23.81
C ILE A 59 0.56 -1.09 -22.86
N SER A 60 0.18 -1.41 -21.64
CA SER A 60 -0.02 -0.43 -20.57
C SER A 60 1.04 -0.68 -19.52
N ALA A 61 1.90 0.30 -19.30
CA ALA A 61 2.97 0.21 -18.33
C ALA A 61 2.67 1.20 -17.20
N TYR A 62 2.90 0.76 -15.97
CA TYR A 62 2.66 1.59 -14.78
C TYR A 62 3.91 1.60 -13.91
N GLY A 63 4.51 2.78 -13.76
CA GLY A 63 5.61 2.92 -12.82
C GLY A 63 5.14 2.85 -11.39
N ALA A 64 6.08 2.74 -10.46
CA ALA A 64 5.74 2.59 -9.06
C ALA A 64 5.69 3.94 -8.35
N ALA A 65 4.88 3.98 -7.30
CA ALA A 65 4.82 5.15 -6.43
C ALA A 65 6.08 5.33 -5.60
N GLY A 66 6.30 6.56 -5.18
CA GLY A 66 7.36 6.88 -4.25
C GLY A 66 6.92 6.63 -2.83
N GLY A 67 7.89 6.67 -1.92
CA GLY A 67 7.62 6.40 -0.53
C GLY A 67 7.15 7.65 0.22
N LYS A 68 6.49 7.41 1.34
CA LYS A 68 6.07 8.49 2.21
C LYS A 68 7.22 8.92 3.12
N GLY A 69 7.12 10.16 3.63
CA GLY A 69 8.08 10.68 4.55
C GLY A 69 7.53 10.59 5.95
N ALA A 70 8.42 10.68 6.93
CA ALA A 70 8.04 10.41 8.32
C ALA A 70 7.06 11.44 8.84
N LYS A 71 7.17 12.69 8.40
CA LYS A 71 6.23 13.75 8.75
C LYS A 71 5.65 14.36 7.47
N ASN A 72 5.47 13.51 6.46
CA ASN A 72 4.96 13.93 5.17
C ASN A 72 4.32 12.72 4.52
N HIS A 73 3.08 12.41 4.90
CA HIS A 73 2.51 11.10 4.60
C HIS A 73 1.08 11.19 4.12
N LEU A 74 0.64 12.38 3.70
CA LEU A 74 -0.72 12.52 3.20
C LEU A 74 -0.94 11.62 1.98
N SER A 75 0.03 11.56 1.10
CA SER A 75 -0.07 10.73 -0.09
C SER A 75 1.33 10.40 -0.57
N ARG A 76 1.44 9.30 -1.31
CA ARG A 76 2.60 9.01 -2.11
C ARG A 76 2.50 9.71 -3.46
N ALA A 77 3.64 10.12 -4.01
CA ALA A 77 3.68 10.54 -5.40
CA ALA A 77 3.67 10.55 -5.41
C ALA A 77 3.38 9.34 -6.28
N HIS A 78 2.28 9.40 -7.03
CA HIS A 78 1.86 8.22 -7.78
C HIS A 78 2.80 7.93 -8.94
N GLY A 79 2.99 6.64 -9.21
CA GLY A 79 3.66 6.22 -10.41
C GLY A 79 2.82 6.47 -11.64
N VAL A 80 3.47 6.49 -12.79
CA VAL A 80 2.86 6.99 -14.02
C VAL A 80 2.43 5.84 -14.92
N PHE A 81 1.23 5.98 -15.47
CA PHE A 81 0.67 5.08 -16.47
C PHE A 81 0.94 5.61 -17.87
N VAL A 82 1.58 4.81 -18.71
CA VAL A 82 1.69 5.13 -20.13
C VAL A 82 1.27 3.92 -20.95
N SER A 83 0.79 4.19 -22.16
CA SER A 83 0.26 3.15 -23.00
C SER A 83 0.49 3.49 -24.46
N ALA A 84 0.64 2.45 -25.26
CA ALA A 84 0.79 2.61 -26.70
C ALA A 84 0.50 1.27 -27.36
N ILE A 85 0.18 1.32 -28.64
CA ILE A 85 -0.10 0.13 -29.43
C ILE A 85 1.12 -0.20 -30.26
N PHE A 86 1.60 -1.44 -30.13
CA PHE A 86 2.77 -1.90 -30.84
C PHE A 86 2.37 -2.99 -31.80
N SER A 87 2.76 -2.84 -33.07
CA SER A 87 2.64 -3.90 -34.07
C SER A 87 3.89 -4.74 -33.98
N LEU A 88 3.77 -5.94 -33.42
CA LEU A 88 4.90 -6.82 -33.16
C LEU A 88 4.87 -7.98 -34.15
N GLY A 89 6.05 -8.44 -34.53
CA GLY A 89 6.19 -9.50 -35.50
C GLY A 89 6.35 -10.88 -34.85
N LEU A 90 6.44 -11.88 -35.72
CA LEU A 90 6.61 -13.25 -35.27
C LEU A 90 7.94 -13.42 -34.55
N GLY A 91 7.95 -14.28 -33.53
CA GLY A 91 9.18 -14.55 -32.82
C GLY A 91 9.67 -13.45 -31.90
N GLU A 92 8.82 -12.51 -31.54
CA GLU A 92 9.23 -11.39 -30.71
C GLU A 92 9.22 -11.80 -29.24
N SER A 93 10.14 -11.20 -28.48
CA SER A 93 10.22 -11.36 -27.03
C SER A 93 10.28 -9.98 -26.40
N LEU A 94 9.50 -9.78 -25.33
CA LEU A 94 9.50 -8.54 -24.59
C LEU A 94 10.17 -8.73 -23.24
N TYR A 95 10.94 -7.73 -22.83
CA TYR A 95 11.61 -7.67 -21.55
C TYR A 95 10.82 -6.70 -20.69
N ILE A 96 10.42 -7.13 -19.51
CA ILE A 96 9.51 -6.37 -18.67
C ILE A 96 10.14 -6.25 -17.28
N LEU A 97 10.44 -5.01 -16.88
CA LEU A 97 10.93 -4.70 -15.55
C LEU A 97 9.81 -3.95 -14.85
N VAL A 98 9.19 -4.58 -13.85
CA VAL A 98 8.08 -3.96 -13.15
C VAL A 98 8.63 -3.16 -11.97
N GLY A 99 8.36 -1.86 -11.95
CA GLY A 99 8.90 -0.99 -10.92
C GLY A 99 8.32 -1.35 -9.56
N GLN A 100 9.13 -1.18 -8.52
CA GLN A 100 8.76 -1.44 -7.14
C GLN A 100 8.69 -0.12 -6.37
N GLN A 101 7.73 -0.04 -5.45
CA GLN A 101 7.48 1.21 -4.73
C GLN A 101 8.73 1.67 -3.99
N GLY A 102 8.92 2.99 -3.94
CA GLY A 102 9.94 3.55 -3.06
C GLY A 102 9.55 3.25 -1.62
N GLU A 103 10.55 3.02 -0.78
CA GLU A 103 10.29 2.60 0.60
C GLU A 103 9.74 3.77 1.39
N ASP A 104 8.70 3.51 2.17
CA ASP A 104 8.18 4.51 3.11
C ASP A 104 9.15 4.69 4.28
N ALA A 105 9.28 5.91 4.75
CA ALA A 105 10.04 6.16 5.98
C ALA A 105 9.41 5.48 7.20
N CYS A 106 8.11 5.16 7.14
CA CYS A 106 7.36 4.62 8.25
C CYS A 106 6.51 3.44 7.83
N PRO A 107 6.41 2.37 8.65
CA PRO A 107 7.12 2.16 9.92
C PRO A 107 8.64 2.10 9.71
N GLY A 108 9.40 2.60 10.68
CA GLY A 108 10.84 2.59 10.53
C GLY A 108 11.41 1.20 10.64
N GLY A 109 12.58 1.03 10.04
CA GLY A 109 13.32 -0.20 10.12
C GLY A 109 14.27 -0.28 11.29
N SER A 110 14.14 0.62 12.26
CA SER A 110 14.90 0.56 13.50
C SER A 110 14.10 1.20 14.60
N PRO A 111 14.46 0.97 15.87
CA PRO A 111 13.78 1.69 16.96
C PRO A 111 13.88 3.21 16.83
N GLU A 112 15.08 3.72 16.54
CA GLU A 112 15.25 5.17 16.44
C GLU A 112 14.45 5.76 15.28
N SER A 113 14.44 5.10 14.12
CA SER A 113 13.64 5.64 13.03
C SER A 113 12.15 5.47 13.28
N GLN A 114 11.75 4.45 14.03
CA GLN A 114 10.33 4.33 14.38
C GLN A 114 9.91 5.41 15.37
N LEU A 115 10.82 5.89 16.22
CA LEU A 115 10.47 6.99 17.12
C LEU A 115 10.24 8.28 16.35
N VAL A 116 11.01 8.50 15.28
CA VAL A 116 10.73 9.63 14.39
C VAL A 116 9.33 9.50 13.81
N CYS A 117 8.94 8.28 13.45
CA CYS A 117 7.62 8.05 12.85
C CYS A 117 6.49 8.38 13.83
N LEU A 118 6.69 8.17 15.11
CA LEU A 118 5.66 8.49 16.08
C LEU A 118 5.61 9.98 16.41
N GLY A 119 6.54 10.77 15.89
CA GLY A 119 6.55 12.20 16.11
C GLY A 119 7.24 12.63 17.39
N GLU A 120 7.84 11.70 18.12
CA GLU A 120 8.50 12.02 19.37
C GLU A 120 9.85 12.69 19.13
N SER A 121 10.58 12.25 18.11
CA SER A 121 11.90 12.80 17.81
C SER A 121 11.77 13.99 16.85
N ARG A 122 12.40 15.10 17.22
CA ARG A 122 12.56 16.26 16.36
C ARG A 122 14.04 16.57 16.13
N ALA A 123 14.90 15.54 16.26
CA ALA A 123 16.34 15.76 16.31
C ALA A 123 16.88 16.21 14.96
N VAL A 124 16.32 15.68 13.86
CA VAL A 124 16.80 16.10 12.54
C VAL A 124 16.51 17.58 12.34
N GLU A 125 15.27 18.01 12.59
CA GLU A 125 14.94 19.42 12.43
C GLU A 125 15.81 20.28 13.34
N GLU A 126 16.00 19.85 14.60
CA GLU A 126 16.70 20.67 15.57
C GLU A 126 18.15 20.89 15.17
N HIS A 127 18.81 19.87 14.61
CA HIS A 127 20.17 20.03 14.13
C HIS A 127 20.26 20.74 12.78
N ALA A 128 19.16 20.81 12.03
CA ALA A 128 19.17 21.48 10.74
C ALA A 128 19.01 23.00 10.86
N ARG A 140 29.24 14.35 10.31
CA ARG A 140 28.50 14.28 11.56
C ARG A 140 27.15 14.98 11.46
N ARG A 141 26.54 14.94 10.28
CA ARG A 141 25.31 15.65 10.00
C ARG A 141 24.08 14.78 10.25
N TRP A 142 23.11 15.34 10.99
CA TRP A 142 21.92 14.58 11.39
C TRP A 142 20.89 14.57 10.27
N ALA A 143 20.41 13.39 9.92
CA ALA A 143 19.57 13.24 8.73
C ALA A 143 18.63 12.06 8.88
N GLY A 144 17.56 12.09 8.10
CA GLY A 144 16.66 10.97 7.98
C GLY A 144 15.22 11.43 7.79
N GLY A 145 14.35 10.45 7.56
CA GLY A 145 12.92 10.67 7.51
C GLY A 145 12.30 10.73 6.13
N GLY A 146 13.10 10.78 5.08
CA GLY A 146 12.55 10.81 3.74
C GLY A 146 12.13 9.45 3.23
N GLY A 147 11.38 9.47 2.13
CA GLY A 147 10.94 8.27 1.45
C GLY A 147 11.71 8.03 0.16
N GLY A 148 11.87 6.76 -0.21
CA GLY A 148 12.60 6.46 -1.41
C GLY A 148 11.79 6.72 -2.66
N GLY A 149 12.52 6.90 -3.76
CA GLY A 149 11.88 7.04 -5.07
C GLY A 149 11.36 5.71 -5.59
N GLY A 150 10.21 5.77 -6.25
CA GLY A 150 9.65 4.58 -6.88
C GLY A 150 10.40 4.22 -8.15
N GLY A 151 10.51 2.93 -8.40
CA GLY A 151 11.12 2.47 -9.64
C GLY A 151 10.20 2.66 -10.83
N ALA A 152 10.82 2.92 -11.97
CA ALA A 152 10.09 2.95 -13.22
C ALA A 152 9.83 1.52 -13.72
N THR A 153 8.85 1.40 -14.60
CA THR A 153 8.53 0.14 -15.24
C THR A 153 9.02 0.25 -16.68
N TYR A 154 9.81 -0.72 -17.10
CA TYR A 154 10.44 -0.68 -18.40
C TYR A 154 9.96 -1.85 -19.25
N VAL A 155 9.60 -1.56 -20.51
CA VAL A 155 9.28 -2.59 -21.48
C VAL A 155 10.19 -2.37 -22.68
N PHE A 156 10.95 -3.40 -23.06
CA PHE A 156 11.95 -3.27 -24.10
C PHE A 156 12.13 -4.61 -24.81
N ARG A 157 12.94 -4.58 -25.86
CA ARG A 157 13.28 -5.77 -26.62
C ARG A 157 14.73 -5.66 -27.04
N VAL A 158 15.25 -6.76 -27.57
CA VAL A 158 16.54 -6.79 -28.24
C VAL A 158 16.26 -6.76 -29.73
N ARG A 159 16.84 -5.78 -30.42
CA ARG A 159 16.76 -5.73 -31.88
C ARG A 159 18.13 -5.30 -32.38
N ALA A 160 18.67 -6.05 -33.34
CA ALA A 160 19.91 -5.66 -34.02
C ALA A 160 21.06 -5.53 -33.03
N GLY A 161 21.09 -6.42 -32.03
CA GLY A 161 22.18 -6.44 -31.09
C GLY A 161 22.13 -5.37 -30.03
N GLU A 162 20.98 -4.69 -29.88
CA GLU A 162 20.83 -3.60 -28.93
C GLU A 162 19.56 -3.74 -28.12
N LEU A 163 19.60 -3.29 -26.87
CA LEU A 163 18.37 -3.09 -26.14
C LEU A 163 17.64 -1.89 -26.71
N GLU A 164 16.35 -2.06 -26.99
CA GLU A 164 15.55 -0.99 -27.57
C GLU A 164 14.40 -0.71 -26.63
N PRO A 165 14.33 0.47 -26.00
CA PRO A 165 13.20 0.76 -25.12
C PRO A 165 11.92 0.95 -25.93
N LEU A 166 10.84 0.34 -25.45
CA LEU A 166 9.55 0.51 -26.08
C LEU A 166 8.66 1.42 -25.28
N LEU A 167 8.52 1.14 -23.98
CA LEU A 167 7.82 2.01 -23.06
C LEU A 167 8.63 2.08 -21.76
N VAL A 168 8.67 3.27 -21.14
CA VAL A 168 9.14 3.38 -19.76
C VAL A 168 8.13 4.25 -19.04
N ALA A 169 7.59 3.74 -17.94
CA ALA A 169 6.58 4.43 -17.17
C ALA A 169 7.22 4.91 -15.87
N ALA A 170 7.25 6.24 -15.68
CA ALA A 170 8.10 6.81 -14.66
C ALA A 170 7.62 6.42 -13.27
N GLY A 171 8.58 6.30 -12.35
CA GLY A 171 8.26 6.19 -10.94
C GLY A 171 8.10 7.54 -10.25
N GLY A 172 7.36 7.51 -9.14
CA GLY A 172 7.14 8.71 -8.35
C GLY A 172 8.30 9.02 -7.42
N GLY A 173 8.57 10.32 -7.26
CA GLY A 173 9.57 10.74 -6.31
C GLY A 173 9.13 10.48 -4.89
N GLY A 174 10.10 10.19 -4.04
CA GLY A 174 9.81 9.99 -2.63
C GLY A 174 9.56 11.31 -1.93
N ARG A 175 8.72 11.25 -0.88
CA ARG A 175 8.41 12.44 -0.10
C ARG A 175 9.58 12.80 0.81
N ALA A 176 9.77 14.11 0.99
CA ALA A 176 10.70 14.60 2.00
C ALA A 176 10.20 14.24 3.39
N TYR A 177 11.14 14.29 4.35
CA TYR A 177 10.81 14.18 5.77
C TYR A 177 9.63 15.05 6.17
N LEU A 178 9.66 16.33 5.80
CA LEU A 178 8.65 17.29 6.24
C LEU A 178 7.82 17.79 5.07
N ARG A 179 6.57 18.17 5.36
CA ARG A 179 5.72 18.84 4.37
C ARG A 179 5.54 20.32 4.75
N PRO A 180 5.41 21.20 3.76
CA PRO A 180 5.26 22.64 4.07
C PRO A 180 4.03 22.91 4.92
N ARG A 181 4.17 23.88 5.82
CA ARG A 181 3.06 24.26 6.71
C ARG A 181 1.80 24.60 5.93
N ASP A 182 1.94 25.05 4.69
CA ASP A 182 0.78 25.46 3.89
C ASP A 182 0.36 24.37 2.92
N SER A 189 2.20 19.20 -11.07
CA SER A 189 3.43 18.92 -11.82
C SER A 189 3.14 17.97 -12.99
N PRO A 190 3.22 18.48 -14.22
CA PRO A 190 2.83 17.66 -15.37
C PRO A 190 3.68 16.41 -15.47
N GLU A 191 3.06 15.34 -15.99
CA GLU A 191 3.82 14.12 -16.29
C GLU A 191 4.81 14.43 -17.40
N LYS A 192 6.03 13.91 -17.28
CA LYS A 192 7.11 14.20 -18.22
C LYS A 192 7.28 13.04 -19.21
N LEU A 193 7.44 13.38 -20.49
CA LEU A 193 7.49 12.34 -21.51
C LEU A 193 8.61 12.58 -22.50
N GLU A 194 9.38 11.55 -22.79
CA GLU A 194 10.37 11.54 -23.85
C GLU A 194 9.89 10.63 -24.97
N ASN A 195 10.10 11.06 -26.22
CA ASN A 195 9.65 10.21 -27.32
C ASN A 195 10.68 10.15 -28.44
N ARG A 196 11.93 10.49 -28.14
CA ARG A 196 13.04 10.46 -29.09
C ARG A 196 14.00 9.38 -28.65
N SER A 197 14.29 8.42 -29.54
CA SER A 197 15.23 7.37 -29.18
C SER A 197 16.63 7.91 -28.95
N GLU A 198 17.00 8.98 -29.64
CA GLU A 198 18.33 9.57 -29.50
C GLU A 198 18.46 10.44 -28.26
N ALA A 199 17.40 10.61 -27.48
CA ALA A 199 17.49 11.45 -26.30
C ALA A 199 18.31 10.74 -25.20
N PRO A 200 19.12 11.49 -24.44
CA PRO A 200 19.92 10.85 -23.38
C PRO A 200 19.05 10.28 -22.26
N GLY A 201 19.39 9.07 -21.82
CA GLY A 201 18.73 8.44 -20.71
C GLY A 201 19.44 8.69 -19.39
N SER A 202 19.62 9.97 -19.06
CA SER A 202 20.48 10.37 -17.95
C SER A 202 19.75 10.25 -16.62
N GLY A 203 20.50 10.46 -15.55
CA GLY A 203 20.01 10.25 -14.21
C GLY A 203 19.57 11.55 -13.57
N GLY A 204 18.85 11.40 -12.47
CA GLY A 204 18.42 12.57 -11.74
C GLY A 204 19.57 13.23 -11.00
N ARG A 205 19.45 14.54 -10.81
CA ARG A 205 20.33 15.23 -9.88
C ARG A 205 20.09 14.71 -8.46
N GLY A 206 21.05 14.96 -7.59
CA GLY A 206 20.92 14.50 -6.21
C GLY A 206 22.17 14.74 -5.40
N GLY A 207 22.27 14.00 -4.31
CA GLY A 207 23.29 14.23 -3.31
C GLY A 207 23.11 13.13 -2.28
N ALA A 208 23.02 13.54 -1.02
CA ALA A 208 22.65 12.60 0.03
C ALA A 208 21.34 11.88 -0.30
N ALA A 209 20.31 12.63 -0.70
CA ALA A 209 19.13 12.02 -1.30
C ALA A 209 19.45 11.65 -2.75
N GLY A 210 19.15 10.42 -3.14
CA GLY A 210 19.57 9.93 -4.44
C GLY A 210 18.61 10.30 -5.55
N GLY A 211 19.15 10.79 -6.66
CA GLY A 211 18.33 10.98 -7.84
C GLY A 211 17.95 9.65 -8.46
N GLY A 212 16.96 9.71 -9.35
CA GLY A 212 16.51 8.51 -10.02
C GLY A 212 17.48 8.04 -11.08
N GLY A 213 17.45 6.73 -11.34
CA GLY A 213 18.19 6.19 -12.45
C GLY A 213 17.41 6.33 -13.76
N GLY A 214 18.16 6.41 -14.85
CA GLY A 214 17.53 6.46 -16.16
C GLY A 214 17.75 5.18 -16.95
N TRP A 215 17.74 5.30 -18.27
CA TRP A 215 18.06 4.18 -19.15
C TRP A 215 19.55 3.86 -19.09
N THR A 216 20.40 4.88 -19.14
CA THR A 216 21.83 4.65 -19.25
C THR A 216 22.66 5.41 -18.23
N SER A 217 22.03 6.01 -17.22
CA SER A 217 22.79 6.86 -16.32
C SER A 217 23.86 6.07 -15.58
N ARG A 218 24.87 6.79 -15.14
CA ARG A 218 25.92 6.28 -14.26
C ARG A 218 25.68 6.82 -12.86
N ALA A 219 25.57 5.92 -11.88
CA ALA A 219 25.25 6.33 -10.52
C ALA A 219 26.46 7.01 -9.87
N PRO A 220 26.31 8.23 -9.34
CA PRO A 220 27.45 8.89 -8.69
C PRO A 220 27.67 8.47 -7.25
N SER A 221 26.77 7.68 -6.67
CA SER A 221 26.82 7.35 -5.26
C SER A 221 25.97 6.12 -5.03
N PRO A 222 26.14 5.45 -3.89
CA PRO A 222 25.26 4.31 -3.58
C PRO A 222 23.78 4.68 -3.42
N GLN A 223 23.49 5.96 -3.22
CA GLN A 223 22.12 6.41 -2.99
C GLN A 223 21.36 6.66 -4.30
N ALA A 224 22.07 6.95 -5.37
CA ALA A 224 21.42 7.16 -6.66
C ALA A 224 20.74 5.89 -7.14
N GLY A 225 19.56 6.04 -7.72
CA GLY A 225 18.95 4.91 -8.39
C GLY A 225 19.84 4.45 -9.54
N ARG A 226 19.94 3.13 -9.70
CA ARG A 226 20.71 2.61 -10.81
C ARG A 226 19.88 2.71 -12.09
N SER A 227 20.59 2.89 -13.21
CA SER A 227 19.98 2.83 -14.52
C SER A 227 19.72 1.38 -14.92
N LEU A 228 18.90 1.22 -15.97
CA LEU A 228 18.73 -0.12 -16.53
C LEU A 228 20.07 -0.70 -16.92
N GLN A 229 20.94 0.11 -17.52
CA GLN A 229 22.27 -0.36 -17.90
C GLN A 229 23.06 -0.83 -16.69
N GLU A 230 22.78 -0.28 -15.51
CA GLU A 230 23.44 -0.72 -14.28
C GLU A 230 22.68 -1.81 -13.54
N GLY A 231 21.60 -2.35 -14.09
CA GLY A 231 20.83 -3.37 -13.41
C GLY A 231 19.64 -2.85 -12.62
N ALA A 232 19.43 -1.54 -12.60
CA ALA A 232 18.18 -0.92 -12.21
C ALA A 232 17.83 -1.04 -10.74
N GLU A 233 18.73 -1.46 -9.88
CA GLU A 233 18.35 -1.60 -8.49
C GLU A 233 18.11 -0.23 -7.87
N GLY A 234 17.22 -0.20 -6.89
CA GLY A 234 17.02 1.03 -6.14
C GLY A 234 18.29 1.46 -5.45
N GLY A 235 18.42 2.77 -5.26
CA GLY A 235 19.48 3.29 -4.43
C GLY A 235 19.25 3.00 -2.96
N GLN A 236 20.34 2.89 -2.22
CA GLN A 236 20.25 2.74 -0.77
C GLN A 236 20.01 4.09 -0.13
N GLY A 237 19.46 4.06 1.09
CA GLY A 237 19.37 5.29 1.87
C GLY A 237 20.74 5.85 2.18
N CYS A 238 20.76 7.16 2.44
CA CYS A 238 22.03 7.85 2.65
C CYS A 238 22.70 7.36 3.93
N SER A 239 24.02 7.35 3.92
CA SER A 239 24.75 6.85 5.09
C SER A 239 24.59 7.79 6.29
N GLU A 240 24.36 9.09 6.06
CA GLU A 240 24.24 10.00 7.21
C GLU A 240 22.98 9.71 8.00
N ALA A 241 21.91 9.31 7.32
CA ALA A 241 20.66 8.94 7.98
C ALA A 241 20.79 7.59 8.69
N TRP A 242 21.46 6.63 8.05
CA TRP A 242 21.81 5.41 8.77
C TRP A 242 22.63 5.72 10.02
N ALA A 243 23.59 6.64 9.90
CA ALA A 243 24.38 7.01 11.07
C ALA A 243 23.54 7.69 12.14
N THR A 244 22.42 8.32 11.78
CA THR A 244 21.62 9.07 12.73
C THR A 244 20.56 8.20 13.36
N LEU A 245 19.89 7.37 12.56
CA LEU A 245 18.74 6.62 13.00
C LEU A 245 18.88 5.12 12.89
N GLY A 246 20.00 4.60 12.40
CA GLY A 246 20.15 3.17 12.27
C GLY A 246 19.37 2.52 11.16
N TRP A 247 18.86 3.31 10.22
CA TRP A 247 18.04 2.80 9.14
C TRP A 247 17.74 3.96 8.18
N ALA A 248 17.56 3.69 6.90
CA ALA A 248 17.05 4.69 5.96
C ALA A 248 16.31 3.97 4.84
N ALA A 249 15.29 4.65 4.30
CA ALA A 249 14.47 4.06 3.26
C ALA A 249 15.22 4.05 1.93
N ALA A 250 15.07 2.95 1.20
CA ALA A 250 15.73 2.77 -0.09
C ALA A 250 14.76 3.07 -1.23
N GLY A 251 15.34 3.32 -2.41
CA GLY A 251 14.55 3.36 -3.62
C GLY A 251 14.09 1.98 -4.07
N GLY A 252 13.07 1.99 -4.93
CA GLY A 252 12.52 0.76 -5.47
C GLY A 252 13.24 0.32 -6.73
N PHE A 253 13.36 -1.00 -6.90
CA PHE A 253 13.76 -1.62 -8.16
C PHE A 253 13.13 -0.91 -9.34
N GLY A 254 13.93 -0.67 -10.37
CA GLY A 254 13.56 0.21 -11.47
C GLY A 254 14.09 1.62 -11.34
N GLY A 255 15.17 1.81 -10.59
CA GLY A 255 15.90 3.07 -10.58
C GLY A 255 15.45 4.12 -9.59
N GLY A 256 14.63 3.76 -8.61
CA GLY A 256 14.26 4.71 -7.57
C GLY A 256 15.47 5.10 -6.71
N GLY A 257 15.55 6.39 -6.39
CA GLY A 257 16.64 6.90 -5.58
C GLY A 257 16.43 6.66 -4.09
N GLY A 258 17.53 6.49 -3.37
CA GLY A 258 17.45 6.32 -1.93
C GLY A 258 17.07 7.61 -1.24
N ALA A 259 16.41 7.47 -0.10
CA ALA A 259 16.06 8.62 0.72
C ALA A 259 17.24 9.10 1.56
N CYS A 260 17.07 10.29 2.13
CA CYS A 260 17.93 10.90 3.14
C CYS A 260 16.87 11.64 3.96
N THR A 261 17.11 12.91 4.22
CA THR A 261 16.01 13.75 4.72
C THR A 261 15.07 14.15 3.59
N ALA A 262 15.62 14.74 2.53
CA ALA A 262 14.90 14.89 1.28
C ALA A 262 14.59 13.51 0.69
N GLY A 263 13.61 13.49 -0.23
CA GLY A 263 13.16 12.24 -0.81
C GLY A 263 13.93 11.86 -2.07
N GLY A 264 13.95 10.57 -2.36
CA GLY A 264 14.66 10.09 -3.53
C GLY A 264 13.88 10.33 -4.82
N GLY A 265 14.62 10.47 -5.91
CA GLY A 265 13.99 10.70 -7.20
C GLY A 265 13.42 9.43 -7.79
N GLY A 266 12.41 9.59 -8.63
CA GLY A 266 11.78 8.46 -9.26
C GLY A 266 12.60 7.97 -10.46
N GLY A 267 12.56 6.67 -10.69
CA GLY A 267 13.21 6.11 -11.86
C GLY A 267 12.49 6.50 -13.13
N GLY A 268 13.18 6.33 -14.26
CA GLY A 268 12.52 6.57 -15.53
C GLY A 268 13.46 6.33 -16.68
N TYR A 269 13.04 6.77 -17.87
CA TYR A 269 13.97 6.87 -18.99
C TYR A 269 15.07 7.87 -18.68
N ARG A 270 14.69 9.02 -18.09
CA ARG A 270 15.56 9.90 -17.35
C ARG A 270 15.08 9.85 -15.91
N GLY A 271 16.00 9.86 -14.96
CA GLY A 271 15.62 9.79 -13.56
C GLY A 271 15.19 11.13 -13.02
N GLY A 272 14.40 11.09 -11.94
CA GLY A 272 13.93 12.32 -11.34
C GLY A 272 14.96 12.96 -10.43
N ASP A 273 14.96 14.29 -10.38
CA ASP A 273 15.94 14.96 -9.55
C ASP A 273 15.58 14.78 -8.08
N ALA A 274 16.59 14.61 -7.25
CA ALA A 274 16.48 14.77 -5.81
C ALA A 274 17.20 16.05 -5.42
N SER A 275 16.93 16.48 -4.19
CA SER A 275 17.62 17.62 -3.63
C SER A 275 19.13 17.40 -3.65
N GLU A 276 19.87 18.46 -3.97
CA GLU A 276 21.32 18.41 -3.87
C GLU A 276 21.81 18.86 -2.51
N THR A 277 20.92 19.26 -1.61
CA THR A 277 21.32 19.79 -0.32
C THR A 277 20.58 19.11 0.83
N ASP A 278 19.93 17.98 0.55
CA ASP A 278 19.14 17.24 1.54
C ASP A 278 18.15 18.14 2.28
N ASN A 279 17.52 19.04 1.52
CA ASN A 279 16.55 19.98 2.08
C ASN A 279 15.41 19.24 2.74
N LEU A 280 15.08 19.67 3.96
CA LEU A 280 14.09 18.99 4.79
C LEU A 280 12.73 18.83 4.12
N TRP A 281 12.40 19.71 3.18
CA TRP A 281 11.08 19.74 2.58
C TRP A 281 11.06 19.33 1.11
N ALA A 282 12.17 18.89 0.57
CA ALA A 282 12.30 18.70 -0.87
C ALA A 282 11.90 17.27 -1.23
N ASP A 283 10.66 17.10 -1.70
CA ASP A 283 10.25 15.84 -2.29
C ASP A 283 11.15 15.53 -3.48
N GLY A 284 11.44 14.25 -3.70
CA GLY A 284 12.03 13.87 -4.97
C GLY A 284 11.07 14.12 -6.10
N GLU A 285 11.63 14.41 -7.28
CA GLU A 285 10.81 14.59 -8.48
C GLU A 285 10.61 13.23 -9.15
N ASP A 286 9.53 13.15 -9.95
CA ASP A 286 9.22 11.93 -10.66
C ASP A 286 10.18 11.72 -11.84
N GLY A 287 10.28 10.48 -12.29
CA GLY A 287 11.06 10.18 -13.47
C GLY A 287 10.40 10.72 -14.73
N VAL A 288 11.10 10.54 -15.84
CA VAL A 288 10.61 10.92 -17.16
C VAL A 288 10.21 9.64 -17.89
N SER A 289 8.97 9.60 -18.40
CA SER A 289 8.49 8.41 -19.10
C SER A 289 8.97 8.43 -20.55
N PHE A 290 8.80 7.30 -21.24
CA PHE A 290 9.25 7.15 -22.62
C PHE A 290 8.24 6.33 -23.43
N ILE A 291 7.92 6.81 -24.63
CA ILE A 291 7.11 6.06 -25.57
C ILE A 291 7.87 6.03 -26.89
N HIS A 292 8.17 4.84 -27.38
CA HIS A 292 8.95 4.73 -28.61
C HIS A 292 8.20 5.36 -29.79
N PRO A 293 8.89 6.14 -30.63
CA PRO A 293 8.20 6.90 -31.68
C PRO A 293 7.71 6.06 -32.85
N SER A 294 7.98 4.75 -32.89
CA SER A 294 7.33 3.88 -33.86
C SER A 294 5.92 3.47 -33.44
N SER A 295 5.55 3.64 -32.17
CA SER A 295 4.29 3.12 -31.70
C SER A 295 3.18 4.15 -31.84
N GLU A 296 1.94 3.68 -31.63
CA GLU A 296 0.75 4.51 -31.68
C GLU A 296 0.33 4.83 -30.24
N LEU A 297 0.39 6.10 -29.87
CA LEU A 297 -0.03 6.52 -28.53
C LEU A 297 -1.47 6.10 -28.29
N PHE A 298 -1.77 5.62 -27.08
CA PHE A 298 -3.15 5.31 -26.75
C PHE A 298 -3.77 6.32 -25.79
N LEU A 299 -3.21 6.48 -24.61
CA LEU A 299 -3.68 7.48 -23.67
C LEU A 299 -2.45 8.22 -23.16
N GLN A 300 -2.60 9.51 -22.88
CA GLN A 300 -1.45 10.26 -22.43
C GLN A 300 -1.00 9.76 -21.06
N PRO A 301 0.23 10.08 -20.68
CA PRO A 301 0.73 9.64 -19.37
C PRO A 301 -0.13 10.23 -18.26
N LEU A 302 -0.35 9.45 -17.21
CA LEU A 302 -1.16 9.93 -16.10
C LEU A 302 -0.70 9.24 -14.82
N ALA A 303 -0.47 10.02 -13.78
CA ALA A 303 0.00 9.47 -12.51
C ALA A 303 -1.18 8.83 -11.77
N VAL A 304 -1.22 7.49 -11.74
CA VAL A 304 -2.31 6.81 -11.05
C VAL A 304 -1.88 5.69 -10.10
N THR A 305 -0.62 5.25 -10.16
CA THR A 305 -0.23 4.05 -9.43
C THR A 305 0.01 4.34 -7.95
N GLU A 306 -0.63 3.56 -7.06
CA GLU A 306 -0.59 3.82 -5.62
C GLU A 306 0.56 3.12 -4.88
N ASN A 307 1.11 2.02 -5.42
CA ASN A 307 2.01 1.08 -4.75
C ASN A 307 3.00 0.62 -5.82
N HIS A 308 3.24 -0.67 -5.94
CA HIS A 308 4.08 -1.18 -7.01
C HIS A 308 3.51 -0.88 -8.41
N GLY A 309 4.40 -0.88 -9.39
CA GLY A 309 3.98 -0.80 -10.78
C GLY A 309 3.43 -2.13 -11.27
N GLU A 310 3.18 -2.17 -12.58
CA GLU A 310 2.66 -3.35 -13.25
C GLU A 310 2.71 -3.10 -14.76
N VAL A 311 2.48 -4.16 -15.52
CA VAL A 311 2.27 -4.08 -16.97
C VAL A 311 1.07 -4.93 -17.29
N GLU A 312 0.20 -4.42 -18.15
CA GLU A 312 -0.94 -5.14 -18.66
C GLU A 312 -0.86 -5.07 -20.18
N ILE A 313 -0.91 -6.22 -20.83
CA ILE A 313 -0.89 -6.32 -22.29
C ILE A 313 -2.18 -6.98 -22.75
N ARG A 314 -2.74 -6.47 -23.85
CA ARG A 314 -3.89 -7.09 -24.46
C ARG A 314 -3.79 -6.96 -25.98
N ARG A 315 -4.43 -7.88 -26.68
CA ARG A 315 -4.59 -7.78 -28.12
C ARG A 315 -5.42 -6.55 -28.46
N HIS A 316 -5.04 -5.89 -29.55
CA HIS A 316 -5.75 -4.72 -30.03
C HIS A 316 -6.25 -5.02 -31.44
N GLY A 317 -7.56 -4.95 -31.62
CA GLY A 317 -8.18 -5.36 -32.87
C GLY A 317 -8.39 -4.21 -33.81
N GLN B 3 35.85 2.06 -25.14
CA GLN B 3 36.47 2.42 -26.41
C GLN B 3 37.08 1.20 -27.11
N LEU B 4 36.54 0.84 -28.27
CA LEU B 4 36.98 -0.34 -28.99
C LEU B 4 37.68 0.06 -30.29
N GLN B 5 38.56 -0.81 -30.77
CA GLN B 5 39.22 -0.63 -32.06
C GLN B 5 39.28 -1.98 -32.75
N GLU B 6 38.55 -2.13 -33.85
CA GLU B 6 38.52 -3.36 -34.64
C GLU B 6 39.48 -3.28 -35.80
N SER B 7 40.09 -4.41 -36.13
CA SER B 7 40.98 -4.49 -37.28
C SER B 7 40.96 -5.89 -37.85
N GLY B 8 41.66 -6.06 -38.97
CA GLY B 8 41.82 -7.36 -39.59
C GLY B 8 40.97 -7.58 -40.82
N GLY B 9 40.05 -6.69 -41.13
CA GLY B 9 39.21 -6.87 -42.29
C GLY B 9 40.00 -6.77 -43.58
N GLY B 10 39.38 -7.24 -44.66
CA GLY B 10 39.92 -6.99 -45.99
C GLY B 10 39.04 -7.63 -47.05
N LEU B 11 39.58 -7.63 -48.27
CA LEU B 11 38.92 -8.22 -49.43
C LEU B 11 39.52 -9.59 -49.72
N VAL B 12 38.68 -10.63 -49.70
CA VAL B 12 39.12 -11.98 -49.97
C VAL B 12 38.16 -12.63 -50.95
N GLN B 13 38.52 -13.83 -51.40
CA GLN B 13 37.67 -14.59 -52.30
C GLN B 13 36.90 -15.65 -51.51
N THR B 14 35.85 -16.15 -52.15
CA THR B 14 35.10 -17.25 -51.55
C THR B 14 36.07 -18.34 -51.12
N GLY B 15 35.82 -18.90 -49.94
CA GLY B 15 36.73 -19.87 -49.37
C GLY B 15 37.89 -19.26 -48.64
N GLY B 16 38.03 -17.94 -48.63
CA GLY B 16 39.16 -17.29 -48.01
C GLY B 16 39.06 -17.31 -46.49
N SER B 17 40.02 -16.62 -45.88
CA SER B 17 40.24 -16.66 -44.44
C SER B 17 40.81 -15.33 -43.97
N LEU B 18 40.27 -14.85 -42.85
CA LEU B 18 40.75 -13.63 -42.21
C LEU B 18 40.72 -13.81 -40.71
N ARG B 19 41.52 -13.02 -40.00
CA ARG B 19 41.49 -12.97 -38.54
C ARG B 19 41.22 -11.54 -38.10
N LEU B 20 40.08 -11.33 -37.45
CA LEU B 20 39.75 -10.02 -36.93
C LEU B 20 40.27 -9.88 -35.51
N SER B 21 40.61 -8.64 -35.15
CA SER B 21 41.06 -8.31 -33.81
C SER B 21 40.23 -7.15 -33.29
N CYS B 22 40.04 -7.13 -31.96
CA CYS B 22 39.39 -6.02 -31.28
C CYS B 22 40.04 -5.87 -29.91
N THR B 23 40.53 -4.68 -29.62
CA THR B 23 41.11 -4.36 -28.32
C THR B 23 40.17 -3.41 -27.57
N ALA B 24 39.94 -3.71 -26.29
CA ALA B 24 39.06 -2.96 -25.41
C ALA B 24 39.86 -2.29 -24.31
N SER B 25 39.18 -1.46 -23.52
CA SER B 25 39.82 -0.73 -22.42
C SER B 25 38.79 -0.43 -21.34
N GLY B 26 39.02 -0.96 -20.14
CA GLY B 26 38.04 -0.83 -19.07
C GLY B 26 37.56 -2.14 -18.50
N ARG B 27 36.29 -2.46 -18.75
CA ARG B 27 35.64 -3.67 -18.24
C ARG B 27 35.99 -3.98 -16.80
N LEU B 32 31.89 -9.15 -18.60
CA LEU B 32 32.15 -10.57 -18.50
C LEU B 32 32.32 -11.28 -19.84
N ALA B 33 31.69 -10.74 -20.89
CA ALA B 33 31.73 -11.37 -22.20
C ALA B 33 31.95 -10.30 -23.26
N MET B 34 32.58 -10.70 -24.35
CA MET B 34 32.75 -9.89 -25.55
C MET B 34 32.09 -10.60 -26.71
N GLY B 35 31.69 -9.83 -27.72
CA GLY B 35 31.05 -10.41 -28.87
C GLY B 35 31.33 -9.66 -30.16
N TRP B 36 31.12 -10.36 -31.26
CA TRP B 36 31.19 -9.81 -32.60
C TRP B 36 29.80 -9.77 -33.18
N PHE B 37 29.47 -8.65 -33.83
CA PHE B 37 28.28 -8.42 -34.61
C PHE B 37 28.74 -8.00 -36.00
N ARG B 38 27.84 -8.05 -36.98
CA ARG B 38 28.16 -7.63 -38.33
C ARG B 38 26.92 -7.01 -38.94
N GLN B 39 27.13 -6.03 -39.82
CA GLN B 39 26.06 -5.37 -40.53
C GLN B 39 26.42 -5.35 -42.01
N ALA B 40 25.66 -6.11 -42.81
CA ALA B 40 25.81 -6.17 -44.25
C ALA B 40 24.97 -5.09 -44.91
N PRO B 41 25.27 -4.78 -46.18
CA PRO B 41 24.48 -3.78 -46.90
C PRO B 41 23.00 -4.16 -46.88
N GLY B 42 22.16 -3.17 -46.65
CA GLY B 42 20.72 -3.37 -46.69
C GLY B 42 20.17 -4.34 -45.66
N LYS B 43 20.88 -4.56 -44.56
CA LYS B 43 20.41 -5.47 -43.53
C LYS B 43 20.70 -4.87 -42.15
N GLU B 44 20.00 -5.39 -41.15
CA GLU B 44 20.25 -5.03 -39.77
C GLU B 44 21.52 -5.69 -39.23
N ARG B 45 22.13 -5.03 -38.25
CA ARG B 45 23.21 -5.64 -37.49
C ARG B 45 22.74 -6.96 -36.87
N GLU B 46 23.63 -7.95 -36.86
CA GLU B 46 23.27 -9.26 -36.34
C GLU B 46 24.44 -9.87 -35.57
N PHE B 47 24.08 -10.72 -34.64
CA PHE B 47 25.05 -11.43 -33.82
C PHE B 47 25.86 -12.39 -34.67
N VAL B 48 27.15 -12.50 -34.36
CA VAL B 48 28.05 -13.44 -35.00
C VAL B 48 28.63 -14.43 -33.99
N ALA B 49 29.28 -13.92 -32.94
CA ALA B 49 29.96 -14.78 -31.98
C ALA B 49 30.14 -14.07 -30.64
N ALA B 50 30.31 -14.87 -29.58
CA ALA B 50 30.55 -14.36 -28.24
C ALA B 50 31.49 -15.29 -27.48
N ILE B 51 32.19 -14.72 -26.49
CA ILE B 51 33.06 -15.49 -25.62
C ILE B 51 33.17 -14.81 -24.25
N SER B 52 33.31 -15.63 -23.22
CA SER B 52 33.55 -15.16 -21.86
C SER B 52 35.03 -15.02 -21.56
N TRP B 53 35.40 -13.86 -21.03
CA TRP B 53 36.79 -13.61 -20.65
C TRP B 53 37.30 -14.66 -19.66
N SER B 54 36.48 -15.01 -18.67
CA SER B 54 36.97 -15.88 -17.60
C SER B 54 36.88 -17.35 -18.01
N THR B 55 35.74 -17.78 -18.54
CA THR B 55 35.52 -19.21 -18.76
C THR B 55 35.86 -19.67 -20.16
N GLY B 56 35.98 -18.75 -21.13
CA GLY B 56 36.26 -19.13 -22.50
C GLY B 56 35.12 -19.81 -23.22
N ILE B 57 33.93 -19.84 -22.62
CA ILE B 57 32.76 -20.44 -23.25
C ILE B 57 32.32 -19.54 -24.40
N THR B 58 32.01 -20.14 -25.54
CA THR B 58 31.71 -19.42 -26.78
C THR B 58 30.26 -19.67 -27.24
N ASP B 59 29.79 -18.81 -28.15
CA ASP B 59 28.51 -18.99 -28.82
C ASP B 59 28.64 -18.38 -30.21
N TYR B 60 27.84 -18.88 -31.15
CA TYR B 60 27.93 -18.50 -32.56
C TYR B 60 26.55 -18.47 -33.18
N SER B 61 26.35 -17.59 -34.17
CA SER B 61 25.13 -17.69 -34.96
C SER B 61 25.15 -18.97 -35.79
N ASP B 62 23.97 -19.51 -36.08
CA ASP B 62 23.91 -20.71 -36.89
C ASP B 62 24.65 -20.52 -38.21
N SER B 63 24.73 -19.28 -38.72
CA SER B 63 25.32 -19.05 -40.04
C SER B 63 26.82 -19.32 -40.08
N VAL B 64 27.52 -19.20 -38.95
CA VAL B 64 28.96 -19.23 -38.94
C VAL B 64 29.53 -20.45 -38.22
N LYS B 65 28.67 -21.32 -37.70
CA LYS B 65 29.13 -22.47 -36.95
C LYS B 65 29.99 -23.37 -37.81
N GLY B 66 31.14 -23.79 -37.27
CA GLY B 66 32.08 -24.60 -37.99
C GLY B 66 33.06 -23.85 -38.84
N ARG B 67 32.81 -22.56 -39.09
CA ARG B 67 33.68 -21.73 -39.91
C ARG B 67 34.40 -20.64 -39.13
N PHE B 68 33.77 -20.09 -38.09
CA PHE B 68 34.36 -19.01 -37.31
C PHE B 68 34.71 -19.53 -35.91
N THR B 69 35.79 -19.00 -35.34
CA THR B 69 36.22 -19.31 -33.99
C THR B 69 36.54 -18.01 -33.27
N MET B 70 35.92 -17.79 -32.12
CA MET B 70 36.28 -16.64 -31.28
C MET B 70 37.28 -17.06 -30.23
N SER B 71 38.24 -16.18 -29.95
CA SER B 71 39.23 -16.39 -28.90
C SER B 71 39.53 -15.06 -28.25
N ARG B 72 40.33 -15.09 -27.18
CA ARG B 72 40.69 -13.85 -26.52
C ARG B 72 42.03 -14.00 -25.82
N ASP B 73 42.58 -12.84 -25.45
CA ASP B 73 43.82 -12.70 -24.70
C ASP B 73 43.50 -11.74 -23.55
N ASN B 74 43.28 -12.30 -22.36
CA ASN B 74 42.92 -11.48 -21.21
C ASN B 74 43.99 -10.43 -20.94
N ALA B 75 45.26 -10.80 -21.02
CA ALA B 75 46.33 -9.86 -20.70
C ALA B 75 46.31 -8.67 -21.64
N LYS B 76 46.06 -8.90 -22.92
CA LYS B 76 46.05 -7.84 -23.93
C LYS B 76 44.68 -7.19 -24.09
N SER B 77 43.69 -7.58 -23.27
CA SER B 77 42.32 -7.08 -23.40
C SER B 77 41.86 -7.09 -24.85
N THR B 78 42.15 -8.18 -25.56
CA THR B 78 41.89 -8.29 -26.99
C THR B 78 41.16 -9.59 -27.27
N VAL B 79 40.18 -9.52 -28.17
CA VAL B 79 39.43 -10.66 -28.65
C VAL B 79 39.67 -10.79 -30.15
N TYR B 80 39.46 -12.00 -30.66
CA TYR B 80 39.77 -12.34 -32.05
C TYR B 80 38.61 -13.10 -32.66
N LEU B 81 38.42 -12.93 -33.97
CA LEU B 81 37.50 -13.75 -34.73
C LEU B 81 38.27 -14.39 -35.88
N GLN B 82 38.48 -15.69 -35.80
CA GLN B 82 39.13 -16.43 -36.88
C GLN B 82 38.03 -16.89 -37.84
N MET B 83 38.05 -16.33 -39.06
CA MET B 83 37.03 -16.59 -40.07
C MET B 83 37.65 -17.44 -41.17
N ASN B 84 37.15 -18.66 -41.35
CA ASN B 84 37.59 -19.53 -42.43
C ASN B 84 36.40 -19.87 -43.31
N SER B 85 36.66 -20.47 -44.47
CA SER B 85 35.62 -20.88 -45.40
C SER B 85 34.62 -19.74 -45.65
N LEU B 86 35.17 -18.56 -45.91
CA LEU B 86 34.35 -17.36 -46.03
C LEU B 86 33.48 -17.43 -47.29
N LYS B 87 32.31 -16.82 -47.18
CA LYS B 87 31.31 -16.83 -48.25
C LYS B 87 30.89 -15.41 -48.57
N PRO B 88 30.40 -15.17 -49.80
CA PRO B 88 29.91 -13.82 -50.12
C PRO B 88 28.96 -13.24 -49.08
N GLU B 89 28.03 -14.05 -48.57
CA GLU B 89 27.08 -13.56 -47.58
C GLU B 89 27.73 -13.21 -46.24
N ASP B 90 29.03 -13.45 -46.06
CA ASP B 90 29.72 -12.94 -44.87
C ASP B 90 30.20 -11.51 -45.03
N THR B 91 30.05 -10.92 -46.23
CA THR B 91 30.42 -9.53 -46.45
C THR B 91 29.63 -8.61 -45.54
N ALA B 92 30.34 -7.77 -44.80
CA ALA B 92 29.71 -6.87 -43.86
C ALA B 92 30.79 -6.03 -43.18
N VAL B 93 30.34 -5.02 -42.45
CA VAL B 93 31.17 -4.38 -41.45
C VAL B 93 31.01 -5.18 -40.16
N TYR B 94 32.13 -5.58 -39.57
CA TYR B 94 32.14 -6.36 -38.34
C TYR B 94 32.47 -5.47 -37.15
N TYR B 95 31.71 -5.64 -36.06
CA TYR B 95 31.79 -4.78 -34.89
C TYR B 95 31.94 -5.60 -33.62
N CYS B 96 32.78 -5.13 -32.72
CA CYS B 96 33.08 -5.73 -31.43
C CYS B 96 32.32 -5.00 -30.33
N ALA B 97 31.88 -5.75 -29.32
CA ALA B 97 31.21 -5.12 -28.19
C ALA B 97 31.35 -5.97 -26.93
N ALA B 98 31.27 -5.30 -25.78
CA ALA B 98 30.97 -6.02 -24.54
C ALA B 98 29.51 -6.45 -24.62
N VAL B 99 29.25 -7.72 -24.31
CA VAL B 99 27.91 -8.26 -24.52
C VAL B 99 27.38 -8.91 -23.24
N ASP B 100 26.07 -9.04 -23.20
CA ASP B 100 25.37 -9.78 -22.17
C ASP B 100 24.18 -10.44 -22.84
N ARG B 101 23.52 -11.31 -22.10
CA ARG B 101 22.29 -11.96 -22.55
C ARG B 101 21.48 -12.21 -21.30
N HIS B 102 20.17 -12.10 -21.44
CA HIS B 102 19.26 -12.23 -20.30
C HIS B 102 19.28 -13.63 -19.70
N SER B 103 19.24 -14.66 -20.54
CA SER B 103 19.09 -16.04 -20.09
C SER B 103 19.57 -16.96 -21.21
N PRO B 104 19.88 -18.22 -20.91
CA PRO B 104 20.32 -19.13 -21.98
C PRO B 104 19.32 -19.12 -23.12
N GLY B 105 19.82 -18.95 -24.33
CA GLY B 105 18.97 -18.95 -25.50
C GLY B 105 18.39 -17.61 -25.90
N SER B 106 18.47 -16.59 -25.04
CA SER B 106 17.96 -15.28 -25.42
C SER B 106 19.02 -14.53 -26.23
N ALA B 107 18.62 -13.41 -26.83
CA ALA B 107 19.51 -12.74 -27.78
C ALA B 107 20.65 -12.01 -27.08
N TRP B 108 21.84 -12.11 -27.66
CA TRP B 108 22.97 -11.35 -27.19
C TRP B 108 22.80 -9.88 -27.56
N TYR B 109 23.28 -8.99 -26.70
CA TYR B 109 23.20 -7.57 -27.01
C TYR B 109 24.41 -6.84 -26.45
N ASN B 110 24.64 -5.65 -26.99
CA ASN B 110 25.70 -4.78 -26.52
C ASN B 110 25.37 -4.22 -25.14
N ARG B 111 26.21 -4.55 -24.17
CA ARG B 111 25.97 -4.18 -22.78
C ARG B 111 26.18 -2.69 -22.53
N ASN B 112 26.92 -2.00 -23.39
CA ASN B 112 27.14 -0.57 -23.29
C ASN B 112 26.23 0.06 -24.34
N PHE B 113 25.02 0.41 -23.92
CA PHE B 113 23.94 0.66 -24.88
C PHE B 113 24.35 1.72 -25.89
N GLY B 114 24.29 1.36 -27.17
CA GLY B 114 24.49 2.30 -28.26
C GLY B 114 25.93 2.65 -28.56
N SER B 115 26.90 2.05 -27.86
CA SER B 115 28.30 2.40 -27.97
C SER B 115 28.97 1.43 -28.94
N TRP B 116 29.44 1.95 -30.07
CA TRP B 116 30.04 1.08 -31.07
C TRP B 116 31.31 1.71 -31.60
N GLY B 117 32.26 0.85 -31.97
CA GLY B 117 33.43 1.28 -32.70
C GLY B 117 33.12 1.50 -34.17
N GLN B 118 34.16 1.85 -34.91
CA GLN B 118 34.03 2.08 -36.35
C GLN B 118 33.89 0.78 -37.14
N GLY B 119 34.23 -0.36 -36.55
CA GLY B 119 34.13 -1.63 -37.24
C GLY B 119 35.26 -1.87 -38.21
N THR B 120 35.24 -3.05 -38.83
CA THR B 120 36.22 -3.41 -39.86
C THR B 120 35.50 -4.09 -41.01
N GLN B 121 35.82 -3.65 -42.22
CA GLN B 121 35.14 -4.12 -43.42
C GLN B 121 35.68 -5.48 -43.85
N VAL B 122 34.77 -6.42 -44.07
CA VAL B 122 35.08 -7.73 -44.64
C VAL B 122 34.31 -7.84 -45.94
N THR B 123 35.01 -8.14 -47.03
CA THR B 123 34.37 -8.30 -48.32
C THR B 123 34.82 -9.62 -48.93
N VAL B 124 33.86 -10.45 -49.31
CA VAL B 124 34.11 -11.76 -49.88
C VAL B 124 33.50 -11.78 -51.28
N SER B 125 34.35 -11.83 -52.30
CA SER B 125 33.90 -11.87 -53.67
C SER B 125 33.64 -13.30 -54.11
N SER B 126 32.87 -13.44 -55.19
CA SER B 126 32.42 -14.75 -55.66
C SER B 126 33.42 -15.34 -56.65
N GLY C 4 -17.37 23.33 3.03
CA GLY C 4 -16.02 22.90 2.73
C GLY C 4 -15.89 21.39 2.81
N SER C 5 -14.67 20.90 3.06
CA SER C 5 -14.38 19.48 3.07
C SER C 5 -13.39 19.19 4.18
N TRP C 6 -13.58 18.05 4.85
CA TRP C 6 -12.76 17.64 5.98
C TRP C 6 -12.27 16.21 5.71
N LEU C 7 -10.95 16.03 5.68
CA LEU C 7 -10.33 14.76 5.33
C LEU C 7 -9.62 14.22 6.55
N PHE C 8 -9.98 13.00 6.98
CA PHE C 8 -9.38 12.36 8.13
C PHE C 8 -8.59 11.14 7.67
N SER C 9 -7.49 10.87 8.36
CA SER C 9 -6.61 9.77 7.99
C SER C 9 -6.19 9.03 9.26
N THR C 10 -5.25 8.08 9.10
CA THR C 10 -4.64 7.43 10.25
C THR C 10 -3.56 8.30 10.89
N CYS C 11 -3.38 9.54 10.42
CA CYS C 11 -2.38 10.46 10.94
C CYS C 11 -0.98 9.89 10.81
N GLY C 12 -0.77 9.08 9.78
CA GLY C 12 0.51 8.45 9.55
C GLY C 12 0.72 7.16 10.31
N ALA C 13 -0.26 6.75 11.12
CA ALA C 13 -0.13 5.53 11.90
C ALA C 13 -0.38 4.29 11.07
N SER C 14 0.31 3.21 11.44
CA SER C 14 0.20 1.91 10.81
C SER C 14 0.11 0.86 11.90
N GLY C 15 -0.35 -0.33 11.54
CA GLY C 15 -0.29 -1.45 12.46
C GLY C 15 -1.53 -1.58 13.34
N ARG C 16 -1.35 -2.33 14.43
CA ARG C 16 -2.47 -2.62 15.31
C ARG C 16 -2.81 -1.47 16.25
N HIS C 17 -1.89 -0.51 16.42
CA HIS C 17 -2.06 0.59 17.37
C HIS C 17 -2.47 1.86 16.64
N GLY C 18 -3.41 2.61 17.23
CA GLY C 18 -3.90 3.84 16.63
C GLY C 18 -2.97 5.01 16.87
N PRO C 19 -3.34 6.14 16.26
CA PRO C 19 -2.46 7.32 16.31
C PRO C 19 -2.48 8.03 17.66
N THR C 20 -1.48 8.89 17.85
CA THR C 20 -1.40 9.78 19.00
C THR C 20 -1.80 11.20 18.61
N GLN C 21 -2.02 12.03 19.63
CA GLN C 21 -2.30 13.45 19.41
C GLN C 21 -1.19 14.08 18.57
N THR C 22 0.07 13.83 18.93
CA THR C 22 1.18 14.39 18.17
C THR C 22 1.09 14.00 16.70
N GLN C 23 0.76 12.75 16.40
CA GLN C 23 0.70 12.34 15.00
C GLN C 23 -0.41 13.07 14.25
N CYS C 24 -1.60 13.17 14.85
CA CYS C 24 -2.68 13.84 14.12
C CYS C 24 -2.45 15.35 14.05
N ASP C 25 -1.85 15.95 15.09
CA ASP C 25 -1.51 17.36 15.04
C ASP C 25 -0.64 17.67 13.81
N GLY C 26 0.39 16.85 13.60
CA GLY C 26 1.25 17.05 12.44
C GLY C 26 0.56 16.75 11.14
N ALA C 27 -0.27 15.70 11.12
CA ALA C 27 -0.91 15.30 9.86
C ALA C 27 -1.87 16.37 9.36
N TYR C 28 -2.60 17.02 10.28
CA TYR C 28 -3.67 17.94 9.93
C TYR C 28 -3.27 19.41 9.95
N ALA C 29 -2.07 19.73 10.42
CA ALA C 29 -1.66 21.13 10.49
C ALA C 29 -1.79 21.78 9.12
N GLY C 30 -2.50 22.91 9.07
CA GLY C 30 -2.70 23.64 7.84
C GLY C 30 -3.93 23.24 7.05
N THR C 31 -4.69 22.26 7.53
CA THR C 31 -5.92 21.83 6.89
C THR C 31 -7.10 22.27 7.75
N SER C 32 -8.30 22.04 7.21
CA SER C 32 -9.53 22.37 7.91
C SER C 32 -9.80 21.49 9.11
N VAL C 33 -8.99 20.46 9.36
CA VAL C 33 -9.31 19.46 10.37
C VAL C 33 -8.55 19.74 11.65
N VAL C 34 -9.28 19.78 12.76
CA VAL C 34 -8.70 19.78 14.10
C VAL C 34 -9.41 18.68 14.88
N VAL C 35 -8.64 17.82 15.54
CA VAL C 35 -9.21 16.73 16.31
C VAL C 35 -8.52 16.64 17.65
N THR C 36 -9.22 16.09 18.63
CA THR C 36 -8.63 15.60 19.86
C THR C 36 -8.54 14.08 19.75
N VAL C 37 -7.35 13.52 19.94
CA VAL C 37 -7.14 12.08 19.80
C VAL C 37 -7.22 11.43 21.17
N GLY C 38 -7.97 10.33 21.25
CA GLY C 38 -8.10 9.58 22.49
C GLY C 38 -6.75 9.14 23.02
N ALA C 39 -6.47 9.52 24.28
CA ALA C 39 -5.13 9.38 24.84
C ALA C 39 -4.85 8.01 25.43
N ALA C 40 -5.87 7.27 25.81
CA ALA C 40 -5.64 5.96 26.37
C ALA C 40 -6.98 5.37 26.79
N GLY C 41 -7.02 4.06 26.96
CA GLY C 41 -8.26 3.41 27.30
C GLY C 41 -9.09 3.06 26.08
N GLN C 42 -10.40 3.10 26.28
CA GLN C 42 -11.35 2.50 25.34
C GLN C 42 -11.31 3.16 23.98
N LEU C 43 -11.13 4.47 23.95
CA LEU C 43 -11.16 5.23 22.70
C LEU C 43 -9.77 5.75 22.34
N ARG C 44 -8.73 5.05 22.79
CA ARG C 44 -7.38 5.43 22.39
C ARG C 44 -7.26 5.41 20.88
N GLY C 45 -6.71 6.49 20.32
CA GLY C 45 -6.54 6.63 18.88
C GLY C 45 -7.76 7.12 18.13
N VAL C 46 -8.89 7.27 18.79
CA VAL C 46 -10.13 7.74 18.15
C VAL C 46 -10.09 9.26 18.08
N GLN C 47 -10.50 9.81 16.95
CA GLN C 47 -10.38 11.24 16.68
C GLN C 47 -11.71 11.92 16.96
N LEU C 48 -11.69 12.91 17.86
CA LEU C 48 -12.87 13.66 18.25
C LEU C 48 -12.91 14.94 17.43
N TRP C 49 -13.99 15.11 16.65
CA TRP C 49 -14.13 16.22 15.72
C TRP C 49 -15.37 17.02 16.07
N ARG C 50 -15.19 18.31 16.32
CA ARG C 50 -16.29 19.21 16.60
C ARG C 50 -16.96 19.58 15.28
N VAL C 51 -18.25 19.26 15.15
CA VAL C 51 -18.99 19.58 13.93
C VAL C 51 -19.08 21.09 13.80
N PRO C 52 -18.74 21.68 12.65
CA PRO C 52 -18.80 23.16 12.51
C PRO C 52 -20.19 23.67 12.13
N GLY C 53 -21.12 23.57 13.06
CA GLY C 53 -22.44 24.13 12.89
C GLY C 53 -23.45 23.13 12.37
N PRO C 54 -24.72 23.37 12.66
CA PRO C 54 -25.77 22.44 12.23
C PRO C 54 -25.94 22.45 10.72
N GLY C 55 -26.38 21.32 10.19
CA GLY C 55 -26.58 21.17 8.76
C GLY C 55 -26.56 19.70 8.38
N GLN C 56 -26.63 19.47 7.07
CA GLN C 56 -26.55 18.14 6.50
C GLN C 56 -25.11 17.87 6.07
N TYR C 57 -24.57 16.72 6.47
CA TYR C 57 -23.20 16.34 6.15
C TYR C 57 -23.21 14.99 5.43
N LEU C 58 -22.62 14.94 4.25
CA LEU C 58 -22.34 13.66 3.60
C LEU C 58 -21.07 13.10 4.22
N ILE C 59 -21.15 11.92 4.80
CA ILE C 59 -20.00 11.27 5.43
C ILE C 59 -19.64 10.07 4.58
N SER C 60 -18.40 10.03 4.11
CA SER C 60 -17.85 8.96 3.29
C SER C 60 -16.78 8.27 4.11
N ALA C 61 -17.04 7.04 4.51
CA ALA C 61 -16.11 6.27 5.33
C ALA C 61 -15.53 5.12 4.51
N TYR C 62 -14.22 4.91 4.65
CA TYR C 62 -13.48 3.88 3.92
C TYR C 62 -12.76 3.00 4.94
N GLY C 63 -13.09 1.72 4.97
CA GLY C 63 -12.34 0.77 5.77
C GLY C 63 -10.98 0.47 5.15
N ALA C 64 -10.15 -0.26 5.86
CA ALA C 64 -8.80 -0.53 5.38
C ALA C 64 -8.68 -1.90 4.73
N ALA C 65 -7.70 -2.03 3.84
CA ALA C 65 -7.43 -3.27 3.13
C ALA C 65 -6.77 -4.29 4.04
N GLY C 66 -6.94 -5.57 3.68
CA GLY C 66 -6.23 -6.63 4.35
C GLY C 66 -4.81 -6.76 3.85
N GLY C 67 -4.02 -7.52 4.58
CA GLY C 67 -2.66 -7.77 4.17
C GLY C 67 -2.55 -8.90 3.15
N LYS C 68 -1.41 -8.92 2.48
CA LYS C 68 -1.08 -9.95 1.51
C LYS C 68 -0.39 -11.10 2.23
N GLY C 69 -0.49 -12.29 1.64
CA GLY C 69 0.19 -13.46 2.12
C GLY C 69 1.50 -13.69 1.40
N ALA C 70 2.37 -14.51 2.01
CA ALA C 70 3.73 -14.62 1.52
C ALA C 70 3.78 -15.20 0.10
N LYS C 71 2.83 -16.08 -0.22
CA LYS C 71 2.71 -16.70 -1.53
C LYS C 71 1.32 -16.50 -2.08
N ASN C 72 0.68 -15.38 -1.71
CA ASN C 72 -0.70 -15.05 -2.08
C ASN C 72 -0.74 -13.51 -2.04
N HIS C 73 -0.32 -12.89 -3.14
CA HIS C 73 -0.02 -11.47 -3.10
C HIS C 73 -0.44 -10.75 -4.37
N LEU C 74 -1.29 -11.38 -5.19
CA LEU C 74 -1.80 -10.72 -6.39
C LEU C 74 -2.52 -9.42 -6.04
N SER C 75 -3.29 -9.45 -4.96
CA SER C 75 -4.04 -8.27 -4.56
C SER C 75 -4.44 -8.43 -3.10
N ARG C 76 -4.79 -7.30 -2.50
CA ARG C 76 -5.37 -7.24 -1.16
C ARG C 76 -6.89 -7.32 -1.29
N ALA C 77 -7.54 -7.81 -0.24
CA ALA C 77 -8.97 -7.58 -0.09
C ALA C 77 -9.15 -6.10 0.30
N HIS C 78 -9.82 -5.33 -0.55
CA HIS C 78 -9.88 -3.89 -0.35
C HIS C 78 -10.89 -3.51 0.73
N GLY C 79 -10.54 -2.50 1.51
CA GLY C 79 -11.48 -1.96 2.48
C GLY C 79 -12.68 -1.33 1.80
N VAL C 80 -13.78 -1.30 2.51
CA VAL C 80 -15.07 -0.96 1.92
C VAL C 80 -15.37 0.51 2.12
N PHE C 81 -15.96 1.12 1.10
CA PHE C 81 -16.45 2.48 1.10
C PHE C 81 -17.96 2.46 1.33
N VAL C 82 -18.41 3.19 2.35
CA VAL C 82 -19.84 3.44 2.57
C VAL C 82 -20.03 4.94 2.79
N SER C 83 -21.22 5.43 2.50
CA SER C 83 -21.48 6.86 2.60
C SER C 83 -22.97 7.10 2.84
N ALA C 84 -23.27 8.10 3.65
CA ALA C 84 -24.65 8.50 3.89
C ALA C 84 -24.64 9.95 4.36
N ILE C 85 -25.80 10.59 4.21
CA ILE C 85 -25.99 11.98 4.60
C ILE C 85 -26.65 11.99 5.99
N PHE C 86 -26.10 12.80 6.89
CA PHE C 86 -26.54 12.89 8.27
C PHE C 86 -26.94 14.31 8.62
N SER C 87 -28.04 14.46 9.37
CA SER C 87 -28.48 15.75 9.89
C SER C 87 -27.86 15.95 11.27
N LEU C 88 -26.89 16.84 11.37
CA LEU C 88 -26.17 17.10 12.63
C LEU C 88 -26.54 18.47 13.15
N GLY C 89 -26.68 18.58 14.47
CA GLY C 89 -27.10 19.81 15.11
C GLY C 89 -25.94 20.61 15.69
N LEU C 90 -26.30 21.69 16.38
CA LEU C 90 -25.31 22.57 16.99
C LEU C 90 -24.67 21.87 18.19
N GLY C 91 -23.37 22.09 18.35
CA GLY C 91 -22.62 21.50 19.43
C GLY C 91 -22.28 20.03 19.28
N GLU C 92 -22.69 19.40 18.18
CA GLU C 92 -22.43 17.97 17.99
C GLU C 92 -20.93 17.75 17.75
N SER C 93 -20.46 16.59 18.20
CA SER C 93 -19.11 16.12 17.92
C SER C 93 -19.17 14.68 17.42
N LEU C 94 -18.33 14.37 16.42
CA LEU C 94 -18.24 13.01 15.90
C LEU C 94 -16.95 12.35 16.35
N TYR C 95 -17.00 11.03 16.45
CA TYR C 95 -15.87 10.19 16.83
C TYR C 95 -15.48 9.39 15.60
N ILE C 96 -14.20 9.44 15.25
CA ILE C 96 -13.72 8.91 13.99
C ILE C 96 -12.53 8.01 14.27
N LEU C 97 -12.69 6.74 13.98
CA LEU C 97 -11.61 5.75 14.06
C LEU C 97 -11.30 5.33 12.63
N VAL C 98 -10.14 5.74 12.13
CA VAL C 98 -9.75 5.43 10.75
C VAL C 98 -9.05 4.08 10.76
N GLY C 99 -9.64 3.11 10.06
CA GLY C 99 -9.06 1.78 10.00
C GLY C 99 -7.67 1.79 9.38
N GLN C 100 -6.81 0.90 9.87
CA GLN C 100 -5.44 0.77 9.40
C GLN C 100 -5.26 -0.59 8.72
N GLN C 101 -4.38 -0.60 7.74
CA GLN C 101 -4.21 -1.79 6.91
C GLN C 101 -3.75 -2.99 7.73
N GLY C 102 -4.30 -4.15 7.39
CA GLY C 102 -3.73 -5.39 7.89
C GLY C 102 -2.29 -5.52 7.42
N GLU C 103 -1.43 -6.02 8.29
CA GLU C 103 -0.02 -6.10 7.92
C GLU C 103 0.18 -7.17 6.86
N ASP C 104 1.04 -6.87 5.89
CA ASP C 104 1.44 -7.83 4.89
C ASP C 104 2.43 -8.83 5.48
N ALA C 105 2.36 -10.07 5.01
CA ALA C 105 3.36 -11.06 5.41
C ALA C 105 4.75 -10.65 4.96
N CYS C 106 4.86 -9.93 3.85
CA CYS C 106 6.11 -9.60 3.19
C CYS C 106 6.16 -8.11 2.93
N PRO C 107 7.31 -7.44 3.13
CA PRO C 107 8.57 -8.00 3.65
C PRO C 107 8.42 -8.51 5.08
N GLY C 108 9.18 -9.55 5.39
CA GLY C 108 9.10 -10.14 6.71
C GLY C 108 9.87 -9.36 7.75
N GLY C 109 9.47 -9.56 9.01
CA GLY C 109 10.11 -8.86 10.11
C GLY C 109 11.16 -9.65 10.86
N SER C 110 11.78 -10.60 10.18
CA SER C 110 12.83 -11.44 10.74
C SER C 110 13.50 -12.18 9.60
N PRO C 111 14.71 -12.70 9.81
CA PRO C 111 15.39 -13.39 8.71
C PRO C 111 14.61 -14.59 8.18
N GLU C 112 14.02 -15.39 9.08
CA GLU C 112 13.30 -16.58 8.62
C GLU C 112 12.04 -16.21 7.88
N SER C 113 11.33 -15.18 8.34
CA SER C 113 10.13 -14.75 7.62
C SER C 113 10.49 -14.12 6.28
N GLN C 114 11.62 -13.43 6.19
CA GLN C 114 12.03 -12.90 4.89
C GLN C 114 12.47 -14.02 3.96
N LEU C 115 13.05 -15.10 4.50
CA LEU C 115 13.32 -16.26 3.66
C LEU C 115 12.04 -16.82 3.06
N VAL C 116 10.97 -16.87 3.85
CA VAL C 116 9.70 -17.38 3.34
C VAL C 116 9.18 -16.48 2.22
N CYS C 117 9.40 -15.17 2.36
CA CYS C 117 8.92 -14.23 1.36
C CYS C 117 9.66 -14.36 0.03
N LEU C 118 10.91 -14.81 0.06
CA LEU C 118 11.67 -15.00 -1.17
C LEU C 118 11.29 -16.28 -1.89
N GLY C 119 10.52 -17.15 -1.24
CA GLY C 119 9.89 -18.28 -1.89
C GLY C 119 10.67 -19.56 -1.85
N GLU C 120 11.94 -19.54 -1.41
CA GLU C 120 12.72 -20.76 -1.45
C GLU C 120 12.37 -21.71 -0.30
N SER C 121 11.82 -21.19 0.79
CA SER C 121 11.43 -22.00 1.94
C SER C 121 10.02 -22.56 1.74
N ARG C 122 9.88 -23.88 1.85
CA ARG C 122 8.59 -24.54 1.85
C ARG C 122 8.29 -25.21 3.19
N ALA C 123 8.93 -24.75 4.28
CA ALA C 123 8.91 -25.52 5.53
C ALA C 123 7.53 -25.51 6.18
N VAL C 124 6.84 -24.37 6.20
CA VAL C 124 5.50 -24.33 6.76
C VAL C 124 4.61 -25.32 6.02
N GLU C 125 4.66 -25.31 4.68
CA GLU C 125 3.81 -26.21 3.90
C GLU C 125 4.16 -27.67 4.13
N GLU C 126 5.46 -27.99 4.14
CA GLU C 126 5.89 -29.37 4.35
C GLU C 126 5.44 -29.89 5.71
N HIS C 127 5.63 -29.07 6.76
CA HIS C 127 5.23 -29.52 8.09
C HIS C 127 3.72 -29.65 8.21
N ALA C 128 2.96 -28.78 7.55
CA ALA C 128 1.54 -29.07 7.31
C ALA C 128 1.43 -30.27 6.37
N ALA C 129 0.33 -31.01 6.48
CA ALA C 129 0.13 -32.23 5.70
C ALA C 129 1.22 -33.26 5.93
N MET C 130 1.94 -33.12 7.04
CA MET C 130 3.01 -34.03 7.45
C MET C 130 3.03 -35.42 6.80
N ARG C 140 5.02 -26.56 19.06
CA ARG C 140 5.56 -27.55 18.14
C ARG C 140 4.95 -27.48 16.73
N ARG C 141 3.91 -26.67 16.53
CA ARG C 141 3.23 -26.62 15.25
C ARG C 141 3.77 -25.48 14.39
N TRP C 142 4.14 -25.80 13.15
CA TRP C 142 4.74 -24.81 12.25
C TRP C 142 3.66 -23.98 11.58
N ALA C 143 3.84 -22.67 11.56
CA ALA C 143 2.80 -21.83 10.99
C ALA C 143 3.40 -20.49 10.57
N GLY C 144 2.60 -19.76 9.80
CA GLY C 144 3.02 -18.45 9.34
C GLY C 144 2.71 -18.20 7.88
N GLY C 145 2.95 -16.96 7.46
CA GLY C 145 2.83 -16.55 6.08
C GLY C 145 1.56 -15.80 5.73
N GLY C 146 0.62 -15.70 6.64
CA GLY C 146 -0.62 -15.03 6.36
C GLY C 146 -0.52 -13.52 6.52
N GLY C 147 -1.54 -12.83 6.01
CA GLY C 147 -1.66 -11.39 6.16
C GLY C 147 -2.76 -11.04 7.16
N GLY C 148 -2.56 -9.96 7.91
CA GLY C 148 -3.54 -9.55 8.88
C GLY C 148 -4.78 -8.93 8.26
N GLY C 149 -5.88 -8.94 9.00
CA GLY C 149 -7.08 -8.29 8.52
C GLY C 149 -6.99 -6.79 8.68
N GLY C 150 -7.63 -6.07 7.77
CA GLY C 150 -7.66 -4.62 7.87
C GLY C 150 -8.66 -4.15 8.92
N GLY C 151 -8.36 -3.01 9.53
CA GLY C 151 -9.31 -2.40 10.43
C GLY C 151 -10.45 -1.74 9.69
N ALA C 152 -11.65 -1.83 10.28
CA ALA C 152 -12.76 -1.04 9.80
C ALA C 152 -12.62 0.40 10.25
N THR C 153 -13.35 1.29 9.58
CA THR C 153 -13.43 2.70 9.92
C THR C 153 -14.79 2.93 10.57
N TYR C 154 -14.78 3.57 11.75
CA TYR C 154 -15.98 3.78 12.54
C TYR C 154 -16.23 5.27 12.67
N VAL C 155 -17.45 5.69 12.38
CA VAL C 155 -17.93 7.04 12.63
C VAL C 155 -19.07 6.92 13.63
N PHE C 156 -18.95 7.58 14.77
CA PHE C 156 -19.96 7.41 15.79
C PHE C 156 -20.03 8.67 16.64
N ARG C 157 -20.95 8.67 17.59
CA ARG C 157 -21.15 9.80 18.47
C ARG C 157 -21.66 9.32 19.82
N VAL C 158 -21.75 10.23 20.76
CA VAL C 158 -22.38 9.98 22.05
C VAL C 158 -23.80 10.54 21.99
N ARG C 159 -24.80 9.68 22.18
CA ARG C 159 -26.16 10.17 22.32
C ARG C 159 -26.83 9.49 23.50
N ALA C 160 -27.46 10.30 24.36
CA ALA C 160 -28.19 9.79 25.51
C ALA C 160 -27.34 8.81 26.30
N GLY C 161 -26.07 9.15 26.48
CA GLY C 161 -25.19 8.38 27.35
C GLY C 161 -24.71 7.07 26.78
N GLU C 162 -24.86 6.87 25.48
CA GLU C 162 -24.42 5.66 24.80
C GLU C 162 -23.63 6.02 23.57
N LEU C 163 -22.57 5.28 23.29
CA LEU C 163 -21.96 5.36 21.98
C LEU C 163 -22.98 4.87 20.94
N GLU C 164 -23.17 5.64 19.88
CA GLU C 164 -24.13 5.34 18.83
C GLU C 164 -23.39 5.24 17.50
N PRO C 165 -23.41 4.10 16.83
CA PRO C 165 -22.74 3.99 15.53
C PRO C 165 -23.56 4.67 14.45
N LEU C 166 -22.87 5.40 13.58
CA LEU C 166 -23.47 6.06 12.43
C LEU C 166 -23.06 5.42 11.12
N LEU C 167 -21.76 5.17 10.94
CA LEU C 167 -21.23 4.45 9.80
C LEU C 167 -20.11 3.55 10.25
N VAL C 168 -20.08 2.33 9.73
CA VAL C 168 -18.91 1.46 9.88
C VAL C 168 -18.56 0.94 8.50
N ALA C 169 -17.35 1.26 8.04
CA ALA C 169 -16.84 0.84 6.74
C ALA C 169 -15.92 -0.37 6.96
N ALA C 170 -16.31 -1.53 6.46
CA ALA C 170 -15.64 -2.77 6.80
C ALA C 170 -14.22 -2.83 6.27
N GLY C 171 -13.35 -3.51 7.04
CA GLY C 171 -12.02 -3.83 6.56
C GLY C 171 -11.95 -5.14 5.82
N GLY C 172 -10.91 -5.30 5.01
CA GLY C 172 -10.75 -6.50 4.22
C GLY C 172 -10.05 -7.60 4.99
N GLY C 173 -10.45 -8.85 4.71
CA GLY C 173 -9.74 -9.98 5.28
C GLY C 173 -8.32 -10.06 4.74
N GLY C 174 -7.41 -10.53 5.58
CA GLY C 174 -6.05 -10.75 5.11
C GLY C 174 -5.96 -11.99 4.27
N ARG C 175 -4.94 -12.05 3.41
CA ARG C 175 -4.78 -13.23 2.57
C ARG C 175 -4.12 -14.35 3.34
N ALA C 176 -4.47 -15.58 2.97
CA ALA C 176 -3.75 -16.74 3.47
C ALA C 176 -2.34 -16.80 2.89
N TYR C 177 -1.49 -17.60 3.54
CA TYR C 177 -0.14 -17.87 3.08
C TYR C 177 -0.13 -18.29 1.61
N LEU C 178 -0.97 -19.27 1.26
CA LEU C 178 -1.00 -19.82 -0.08
C LEU C 178 -2.33 -19.54 -0.76
N ARG C 179 -2.36 -19.71 -2.07
CA ARG C 179 -3.60 -19.77 -2.82
C ARG C 179 -3.51 -20.93 -3.81
N PRO C 180 -4.66 -21.48 -4.21
CA PRO C 180 -4.61 -22.67 -5.08
C PRO C 180 -3.96 -22.34 -6.41
N ARG C 181 -3.11 -23.26 -6.88
CA ARG C 181 -2.37 -23.01 -8.10
C ARG C 181 -3.30 -22.74 -9.28
N ASP C 182 -4.46 -23.39 -9.32
CA ASP C 182 -5.39 -23.29 -10.43
C ASP C 182 -6.34 -22.10 -10.29
N ARG C 183 -6.11 -21.25 -9.31
CA ARG C 183 -6.94 -20.07 -9.13
C ARG C 183 -7.00 -19.25 -10.41
N GLY C 184 -8.22 -18.97 -10.87
CA GLY C 184 -8.43 -18.20 -12.08
C GLY C 184 -8.98 -16.82 -11.84
N ALA C 188 -13.65 -11.56 -5.76
CA ALA C 188 -14.03 -10.96 -4.48
C ALA C 188 -15.49 -11.27 -4.14
N SER C 189 -15.76 -11.41 -2.85
CA SER C 189 -17.10 -11.71 -2.38
C SER C 189 -17.95 -10.44 -2.28
N PRO C 190 -19.28 -10.57 -2.37
CA PRO C 190 -20.13 -9.39 -2.24
C PRO C 190 -19.92 -8.67 -0.92
N GLU C 191 -20.06 -7.35 -0.96
CA GLU C 191 -20.00 -6.53 0.25
C GLU C 191 -21.19 -6.83 1.16
N LYS C 192 -20.92 -6.87 2.46
CA LYS C 192 -21.92 -7.22 3.46
C LYS C 192 -22.35 -5.97 4.22
N LEU C 193 -23.65 -5.84 4.45
CA LEU C 193 -24.20 -4.64 5.07
C LEU C 193 -25.15 -5.00 6.20
N GLU C 194 -24.98 -4.31 7.33
CA GLU C 194 -25.97 -4.27 8.40
C GLU C 194 -26.60 -2.88 8.43
N ASN C 195 -27.93 -2.83 8.61
CA ASN C 195 -28.62 -1.56 8.70
C ASN C 195 -29.65 -1.53 9.84
N ARG C 196 -29.52 -2.42 10.82
CA ARG C 196 -30.44 -2.47 11.96
C ARG C 196 -29.70 -2.00 13.21
N SER C 197 -30.23 -0.95 13.84
CA SER C 197 -29.61 -0.40 15.04
C SER C 197 -29.50 -1.44 16.15
N GLU C 198 -30.47 -2.33 16.26
CA GLU C 198 -30.43 -3.34 17.31
C GLU C 198 -29.46 -4.47 17.02
N ALA C 199 -28.94 -4.56 15.80
CA ALA C 199 -28.17 -5.73 15.40
C ALA C 199 -26.96 -5.93 16.31
N PRO C 200 -26.60 -7.18 16.59
CA PRO C 200 -25.40 -7.43 17.41
C PRO C 200 -24.13 -7.17 16.61
N GLY C 201 -23.17 -6.53 17.25
CA GLY C 201 -21.87 -6.28 16.65
C GLY C 201 -20.85 -7.30 17.06
N SER C 202 -21.13 -8.58 16.85
CA SER C 202 -20.28 -9.65 17.33
C SER C 202 -19.03 -9.78 16.46
N GLY C 203 -18.14 -10.68 16.87
CA GLY C 203 -16.85 -10.84 16.22
C GLY C 203 -16.82 -12.01 15.24
N GLY C 204 -15.76 -12.04 14.45
CA GLY C 204 -15.57 -13.14 13.50
C GLY C 204 -15.08 -14.41 14.19
N ARG C 205 -15.45 -15.54 13.59
CA ARG C 205 -14.83 -16.81 13.98
C ARG C 205 -13.32 -16.76 13.75
N GLY C 206 -12.62 -17.70 14.35
CA GLY C 206 -11.19 -17.85 14.08
C GLY C 206 -10.55 -18.80 15.07
N GLY C 207 -9.25 -18.59 15.31
CA GLY C 207 -8.42 -19.55 16.01
C GLY C 207 -6.99 -19.06 16.08
N ALA C 208 -6.04 -19.89 15.63
CA ALA C 208 -4.69 -19.40 15.36
C ALA C 208 -4.73 -18.08 14.58
N ALA C 209 -5.44 -18.07 13.45
CA ALA C 209 -5.75 -16.81 12.76
C ALA C 209 -6.96 -16.14 13.40
N GLY C 210 -6.88 -14.83 13.59
CA GLY C 210 -7.90 -14.11 14.33
C GLY C 210 -9.03 -13.57 13.45
N GLY C 211 -10.25 -13.77 13.91
CA GLY C 211 -11.38 -13.09 13.32
C GLY C 211 -11.36 -11.61 13.62
N GLY C 212 -12.09 -10.85 12.80
CA GLY C 212 -12.18 -9.42 13.04
C GLY C 212 -12.99 -9.09 14.27
N GLY C 213 -12.73 -7.92 14.82
CA GLY C 213 -13.59 -7.36 15.84
C GLY C 213 -14.80 -6.68 15.23
N GLY C 214 -15.91 -6.78 15.95
CA GLY C 214 -17.12 -6.06 15.63
C GLY C 214 -17.28 -4.81 16.48
N TRP C 215 -18.52 -4.34 16.56
CA TRP C 215 -18.84 -3.15 17.35
C TRP C 215 -18.74 -3.43 18.84
N THR C 216 -19.19 -4.61 19.29
CA THR C 216 -19.24 -4.92 20.72
C THR C 216 -18.59 -6.26 21.06
N SER C 217 -17.94 -6.90 20.11
CA SER C 217 -17.40 -8.23 20.34
C SER C 217 -16.40 -8.25 21.49
N ARG C 218 -16.24 -9.44 22.07
CA ARG C 218 -15.21 -9.71 23.06
C ARG C 218 -14.17 -10.61 22.43
N ALA C 219 -12.91 -10.22 22.50
CA ALA C 219 -11.84 -10.98 21.87
C ALA C 219 -11.56 -12.26 22.65
N PRO C 220 -11.64 -13.44 22.03
CA PRO C 220 -11.32 -14.68 22.75
C PRO C 220 -9.84 -15.06 22.73
N SER C 221 -8.99 -14.28 22.07
CA SER C 221 -7.57 -14.62 21.98
C SER C 221 -6.80 -13.35 21.72
N PRO C 222 -5.47 -13.40 21.87
CA PRO C 222 -4.64 -12.24 21.46
C PRO C 222 -4.69 -11.97 19.97
N GLN C 223 -4.98 -12.98 19.14
CA GLN C 223 -5.03 -12.77 17.70
C GLN C 223 -6.31 -12.13 17.22
N ALA C 224 -7.40 -12.25 17.99
CA ALA C 224 -8.68 -11.73 17.53
C ALA C 224 -8.64 -10.21 17.48
N GLY C 225 -9.24 -9.65 16.44
CA GLY C 225 -9.40 -8.21 16.39
C GLY C 225 -10.24 -7.73 17.57
N ARG C 226 -9.81 -6.62 18.16
CA ARG C 226 -10.55 -6.04 19.26
C ARG C 226 -11.70 -5.19 18.73
N SER C 227 -12.78 -5.16 19.52
CA SER C 227 -13.93 -4.33 19.23
C SER C 227 -13.70 -2.92 19.77
N LEU C 228 -14.56 -2.00 19.34
CA LEU C 228 -14.52 -0.66 19.89
C LEU C 228 -14.63 -0.68 21.41
N GLN C 229 -15.50 -1.54 21.95
CA GLN C 229 -15.64 -1.64 23.40
C GLN C 229 -14.33 -2.02 24.07
N GLU C 230 -13.40 -2.64 23.32
CA GLU C 230 -12.12 -3.08 23.83
C GLU C 230 -10.95 -2.17 23.44
N GLY C 231 -11.21 -1.07 22.76
CA GLY C 231 -10.13 -0.23 22.25
C GLY C 231 -9.78 -0.47 20.80
N ALA C 232 -10.42 -1.43 20.14
CA ALA C 232 -10.38 -1.59 18.69
C ALA C 232 -9.00 -1.91 18.12
N GLU C 233 -8.01 -2.27 18.94
CA GLU C 233 -6.71 -2.54 18.36
C GLU C 233 -6.75 -3.79 17.47
N GLY C 234 -5.83 -3.83 16.52
CA GLY C 234 -5.68 -5.02 15.70
C GLY C 234 -5.20 -6.20 16.55
N GLY C 235 -5.56 -7.40 16.12
CA GLY C 235 -5.05 -8.58 16.79
C GLY C 235 -3.58 -8.79 16.51
N GLN C 236 -2.90 -9.48 17.42
CA GLN C 236 -1.52 -9.83 17.17
C GLN C 236 -1.45 -11.05 16.24
N GLY C 237 -0.33 -11.18 15.54
CA GLY C 237 -0.07 -12.42 14.85
C GLY C 237 -0.01 -13.59 15.82
N CYS C 238 -0.27 -14.79 15.32
CA CYS C 238 -0.36 -15.95 16.20
C CYS C 238 1.00 -16.28 16.81
N SER C 239 0.99 -16.65 18.10
CA SER C 239 2.22 -17.01 18.78
C SER C 239 2.95 -18.16 18.10
N GLU C 240 2.22 -19.11 17.51
CA GLU C 240 2.86 -20.25 16.87
C GLU C 240 3.70 -19.82 15.67
N ALA C 241 3.24 -18.80 14.94
CA ALA C 241 4.02 -18.27 13.83
C ALA C 241 5.21 -17.47 14.33
N TRP C 242 5.02 -16.67 15.38
CA TRP C 242 6.16 -16.03 16.04
C TRP C 242 7.20 -17.07 16.43
N ALA C 243 6.76 -18.21 16.98
CA ALA C 243 7.72 -19.25 17.35
C ALA C 243 8.39 -19.84 16.11
N THR C 244 7.65 -19.95 15.00
CA THR C 244 8.18 -20.61 13.82
C THR C 244 9.12 -19.71 13.04
N LEU C 245 8.70 -18.47 12.78
CA LEU C 245 9.40 -17.60 11.85
C LEU C 245 10.01 -16.38 12.52
N GLY C 246 9.80 -16.20 13.82
CA GLY C 246 10.31 -15.03 14.49
C GLY C 246 9.57 -13.76 14.19
N TRP C 247 8.39 -13.86 13.58
CA TRP C 247 7.59 -12.70 13.25
C TRP C 247 6.26 -13.15 12.66
N ALA C 248 5.21 -12.34 12.82
CA ALA C 248 3.92 -12.65 12.23
C ALA C 248 3.14 -11.36 12.07
N ALA C 249 2.30 -11.32 11.03
CA ALA C 249 1.58 -10.10 10.67
C ALA C 249 0.37 -9.88 11.57
N ALA C 250 0.22 -8.64 12.04
CA ALA C 250 -0.88 -8.23 12.89
C ALA C 250 -2.04 -7.68 12.08
N GLY C 251 -3.23 -7.72 12.68
CA GLY C 251 -4.36 -6.97 12.14
C GLY C 251 -4.21 -5.48 12.36
N GLY C 252 -4.96 -4.71 11.57
CA GLY C 252 -4.91 -3.27 11.68
C GLY C 252 -5.83 -2.70 12.76
N PHE C 253 -5.39 -1.59 13.34
CA PHE C 253 -6.25 -0.77 14.20
C PHE C 253 -7.63 -0.63 13.57
N GLY C 254 -8.66 -0.80 14.37
CA GLY C 254 -9.99 -0.92 13.87
C GLY C 254 -10.51 -2.34 13.78
N GLY C 255 -9.94 -3.28 14.54
CA GLY C 255 -10.54 -4.60 14.68
C GLY C 255 -10.05 -5.65 13.72
N GLY C 256 -8.97 -5.39 12.99
CA GLY C 256 -8.42 -6.40 12.11
C GLY C 256 -7.82 -7.56 12.89
N GLY C 257 -8.06 -8.77 12.39
CA GLY C 257 -7.54 -9.96 13.04
C GLY C 257 -6.10 -10.26 12.66
N GLY C 258 -5.37 -10.81 13.61
CA GLY C 258 -4.00 -11.22 13.34
C GLY C 258 -3.94 -12.43 12.43
N ALA C 259 -2.87 -12.47 11.63
CA ALA C 259 -2.61 -13.58 10.73
C ALA C 259 -1.99 -14.75 11.49
N CYS C 260 -2.22 -15.95 10.98
CA CYS C 260 -1.24 -16.99 11.29
C CYS C 260 -0.65 -17.60 10.01
N THR C 261 -1.30 -18.64 9.50
CA THR C 261 -1.07 -19.16 8.16
C THR C 261 -2.24 -18.78 7.26
N ALA C 262 -3.45 -19.06 7.73
CA ALA C 262 -4.66 -18.43 7.23
C ALA C 262 -4.63 -16.94 7.54
N GLY C 263 -5.39 -16.17 6.75
CA GLY C 263 -5.44 -14.75 6.95
C GLY C 263 -6.39 -14.34 8.08
N GLY C 264 -6.14 -13.14 8.61
CA GLY C 264 -6.98 -12.60 9.65
C GLY C 264 -8.23 -11.96 9.11
N GLY C 265 -9.26 -11.89 9.95
CA GLY C 265 -10.54 -11.36 9.51
C GLY C 265 -10.56 -9.85 9.54
N GLY C 266 -11.39 -9.26 8.69
CA GLY C 266 -11.51 -7.83 8.66
C GLY C 266 -12.42 -7.32 9.75
N GLY C 267 -12.09 -6.15 10.26
CA GLY C 267 -12.95 -5.51 11.24
C GLY C 267 -14.23 -5.02 10.60
N GLY C 268 -15.21 -4.73 11.45
CA GLY C 268 -16.48 -4.24 10.96
C GLY C 268 -17.43 -3.95 12.10
N TYR C 269 -18.69 -3.74 11.73
CA TYR C 269 -19.76 -3.76 12.73
C TYR C 269 -19.89 -5.17 13.31
N ARG C 270 -19.83 -6.17 12.44
CA ARG C 270 -19.48 -7.55 12.78
C ARG C 270 -18.15 -7.87 12.10
N GLY C 271 -17.30 -8.63 12.78
CA GLY C 271 -16.00 -8.93 12.24
C GLY C 271 -16.04 -10.06 11.23
N GLY C 272 -15.07 -10.03 10.31
CA GLY C 272 -14.98 -11.09 9.32
C GLY C 272 -14.47 -12.38 9.94
N ASP C 273 -14.98 -13.49 9.42
CA ASP C 273 -14.53 -14.81 9.85
C ASP C 273 -13.14 -15.13 9.31
N ALA C 274 -12.29 -15.67 10.17
CA ALA C 274 -11.04 -16.33 9.81
C ALA C 274 -11.18 -17.84 10.02
N SER C 275 -10.25 -18.58 9.41
CA SER C 275 -10.26 -20.02 9.51
C SER C 275 -10.17 -20.48 10.96
N GLU C 276 -10.92 -21.51 11.28
CA GLU C 276 -10.83 -22.14 12.60
C GLU C 276 -9.80 -23.27 12.63
N THR C 277 -9.15 -23.57 11.50
CA THR C 277 -8.16 -24.63 11.42
C THR C 277 -6.81 -24.15 10.88
N ASP C 278 -6.59 -22.84 10.87
CA ASP C 278 -5.39 -22.24 10.28
C ASP C 278 -5.08 -22.80 8.89
N ASN C 279 -6.13 -22.97 8.08
CA ASN C 279 -5.97 -23.63 6.79
C ASN C 279 -5.05 -22.82 5.87
N LEU C 280 -4.18 -23.53 5.14
CA LEU C 280 -3.13 -22.84 4.42
C LEU C 280 -3.64 -21.94 3.31
N TRP C 281 -4.85 -22.20 2.82
CA TRP C 281 -5.42 -21.50 1.67
C TRP C 281 -6.60 -20.62 2.05
N ALA C 282 -6.87 -20.43 3.34
CA ALA C 282 -8.11 -19.80 3.78
C ALA C 282 -7.87 -18.31 4.00
N ASP C 283 -8.23 -17.50 3.02
CA ASP C 283 -8.26 -16.06 3.22
C ASP C 283 -9.22 -15.72 4.36
N GLY C 284 -8.84 -14.73 5.18
CA GLY C 284 -9.80 -14.14 6.08
C GLY C 284 -10.91 -13.45 5.31
N GLU C 285 -12.12 -13.49 5.89
CA GLU C 285 -13.27 -12.84 5.27
C GLU C 285 -13.33 -11.38 5.72
N ASP C 286 -14.06 -10.58 4.95
CA ASP C 286 -14.15 -9.15 5.21
C ASP C 286 -15.16 -8.88 6.33
N GLY C 287 -15.01 -7.72 6.95
CA GLY C 287 -15.98 -7.28 7.94
C GLY C 287 -17.32 -6.96 7.30
N VAL C 288 -18.27 -6.62 8.17
CA VAL C 288 -19.64 -6.25 7.79
C VAL C 288 -19.78 -4.76 8.04
N SER C 289 -20.18 -4.02 7.01
CA SER C 289 -20.33 -2.59 7.14
C SER C 289 -21.68 -2.26 7.76
N PHE C 290 -21.84 -1.02 8.20
CA PHE C 290 -23.06 -0.59 8.85
C PHE C 290 -23.40 0.82 8.39
N ILE C 291 -24.66 1.04 8.03
CA ILE C 291 -25.17 2.36 7.70
C ILE C 291 -26.44 2.57 8.51
N HIS C 292 -26.39 3.50 9.45
CA HIS C 292 -27.51 3.75 10.33
C HIS C 292 -28.78 4.06 9.53
N PRO C 293 -29.89 3.36 9.80
CA PRO C 293 -31.06 3.48 8.92
C PRO C 293 -31.79 4.80 9.01
N SER C 294 -31.43 5.69 9.95
CA SER C 294 -32.02 7.02 9.99
C SER C 294 -31.36 7.97 8.99
N SER C 295 -30.20 7.63 8.47
CA SER C 295 -29.52 8.47 7.52
C SER C 295 -30.09 8.27 6.12
N GLU C 296 -29.71 9.15 5.21
CA GLU C 296 -30.05 9.02 3.81
C GLU C 296 -28.86 8.38 3.11
N LEU C 297 -29.03 7.13 2.69
CA LEU C 297 -27.95 6.43 1.97
C LEU C 297 -27.53 7.26 0.76
N PHE C 298 -26.22 7.38 0.57
CA PHE C 298 -25.67 8.01 -0.63
C PHE C 298 -25.27 6.96 -1.65
N LEU C 299 -24.33 6.09 -1.28
CA LEU C 299 -23.92 4.97 -2.12
C LEU C 299 -23.76 3.73 -1.25
N GLN C 300 -24.09 2.59 -1.83
CA GLN C 300 -23.98 1.31 -1.13
C GLN C 300 -22.52 0.96 -0.82
N PRO C 301 -22.29 -0.06 0.01
CA PRO C 301 -20.91 -0.48 0.28
C PRO C 301 -20.21 -0.94 -0.99
N LEU C 302 -18.98 -0.47 -1.18
CA LEU C 302 -18.17 -0.83 -2.35
C LEU C 302 -16.70 -0.95 -1.95
N ALA C 303 -16.14 -2.15 -2.13
CA ALA C 303 -14.73 -2.38 -1.79
C ALA C 303 -13.83 -1.60 -2.73
N VAL C 304 -13.03 -0.67 -2.19
CA VAL C 304 -12.10 0.06 -3.05
C VAL C 304 -10.70 0.29 -2.47
N THR C 305 -10.60 0.33 -1.14
CA THR C 305 -9.41 0.87 -0.53
C THR C 305 -8.22 -0.07 -0.67
N GLU C 306 -7.06 0.48 -1.04
CA GLU C 306 -5.87 -0.34 -1.29
C GLU C 306 -4.92 -0.43 -0.09
N ASN C 307 -5.02 0.47 0.89
CA ASN C 307 -4.05 0.69 1.97
C ASN C 307 -4.92 1.07 3.17
N HIS C 308 -4.56 2.10 3.92
CA HIS C 308 -5.37 2.47 5.08
C HIS C 308 -6.75 3.01 4.69
N GLY C 309 -7.63 3.03 5.69
CA GLY C 309 -8.91 3.68 5.56
C GLY C 309 -8.78 5.20 5.58
N GLU C 310 -9.92 5.86 5.54
CA GLU C 310 -9.98 7.31 5.64
C GLU C 310 -11.44 7.70 5.77
N VAL C 311 -11.67 8.97 6.09
CA VAL C 311 -13.01 9.52 6.16
C VAL C 311 -12.97 10.87 5.45
N GLU C 312 -13.97 11.11 4.60
CA GLU C 312 -14.19 12.43 4.02
C GLU C 312 -15.59 12.92 4.37
N ILE C 313 -15.66 14.13 4.94
CA ILE C 313 -16.92 14.78 5.28
C ILE C 313 -17.02 16.05 4.44
N ARG C 314 -18.19 16.29 3.87
CA ARG C 314 -18.47 17.55 3.20
C ARG C 314 -19.90 17.97 3.52
N ARG C 315 -20.14 19.27 3.48
CA ARG C 315 -21.50 19.75 3.61
C ARG C 315 -22.33 19.25 2.42
N HIS C 316 -23.61 19.02 2.67
CA HIS C 316 -24.52 18.59 1.61
C HIS C 316 -25.71 19.55 1.50
N VAL D 2 -19.18 -5.06 37.61
CA VAL D 2 -19.98 -5.61 36.54
C VAL D 2 -21.47 -5.35 36.78
N GLN D 3 -21.91 -5.45 38.04
CA GLN D 3 -23.32 -5.57 38.39
C GLN D 3 -23.76 -4.40 39.27
N LEU D 4 -24.79 -3.67 38.81
CA LEU D 4 -25.22 -2.44 39.44
C LEU D 4 -26.69 -2.52 39.86
N GLN D 5 -27.02 -1.77 40.91
CA GLN D 5 -28.37 -1.82 41.49
C GLN D 5 -28.70 -0.47 42.09
N GLU D 6 -29.80 0.12 41.64
CA GLU D 6 -30.24 1.43 42.12
C GLU D 6 -31.32 1.29 43.17
N SER D 7 -31.38 2.29 44.05
CA SER D 7 -32.45 2.36 45.05
C SER D 7 -32.52 3.80 45.56
N GLY D 8 -33.53 4.07 46.37
CA GLY D 8 -33.76 5.38 46.92
C GLY D 8 -34.85 6.17 46.24
N GLY D 9 -35.39 5.68 45.13
CA GLY D 9 -36.47 6.38 44.47
C GLY D 9 -37.70 6.49 45.35
N GLY D 10 -38.58 7.40 44.96
CA GLY D 10 -39.82 7.60 45.68
C GLY D 10 -40.60 8.77 45.10
N LEU D 11 -41.73 9.06 45.72
CA LEU D 11 -42.56 10.21 45.36
C LEU D 11 -42.34 11.32 46.38
N VAL D 12 -42.08 12.54 45.88
CA VAL D 12 -41.81 13.71 46.70
C VAL D 12 -42.58 14.89 46.13
N GLN D 13 -42.76 15.91 46.96
CA GLN D 13 -43.38 17.16 46.52
C GLN D 13 -42.31 18.10 45.97
N THR D 14 -42.76 19.19 45.35
CA THR D 14 -41.85 20.27 44.99
C THR D 14 -41.08 20.71 46.25
N GLY D 15 -39.84 21.14 46.06
CA GLY D 15 -38.95 21.35 47.18
C GLY D 15 -38.65 20.03 47.87
N GLY D 16 -37.66 20.01 48.76
CA GLY D 16 -37.36 18.80 49.49
C GLY D 16 -36.52 17.83 48.68
N SER D 17 -36.08 16.77 49.36
CA SER D 17 -34.91 16.01 48.95
C SER D 17 -35.18 14.52 48.86
N LEU D 18 -34.40 13.87 47.98
CA LEU D 18 -34.25 12.42 47.94
C LEU D 18 -32.77 12.10 47.86
N ARG D 19 -32.40 10.93 48.37
CA ARG D 19 -31.01 10.47 48.30
C ARG D 19 -31.02 9.12 47.59
N LEU D 20 -30.54 9.12 46.35
CA LEU D 20 -30.43 7.90 45.56
C LEU D 20 -29.09 7.23 45.84
N SER D 21 -29.09 5.89 45.80
CA SER D 21 -27.87 5.12 45.94
C SER D 21 -27.76 4.13 44.79
N CYS D 22 -26.53 3.70 44.54
CA CYS D 22 -26.24 2.70 43.52
C CYS D 22 -25.02 1.92 43.99
N THR D 23 -25.17 0.61 44.15
CA THR D 23 -24.04 -0.24 44.52
C THR D 23 -23.52 -1.01 43.31
N ALA D 24 -22.23 -1.31 43.34
CA ALA D 24 -21.54 -1.92 42.20
C ALA D 24 -20.70 -3.09 42.69
N SER D 25 -21.12 -4.31 42.33
CA SER D 25 -20.39 -5.52 42.72
C SER D 25 -19.48 -5.95 41.58
N GLY D 26 -18.29 -6.45 41.95
CA GLY D 26 -17.33 -6.89 40.97
C GLY D 26 -16.85 -5.77 40.07
N ARG D 27 -16.17 -4.79 40.66
CA ARG D 27 -15.70 -3.64 39.90
C ARG D 27 -14.69 -4.08 38.83
N THR D 28 -14.33 -3.14 37.97
CA THR D 28 -13.50 -3.45 36.81
C THR D 28 -12.03 -3.08 36.98
N PHE D 29 -11.69 -2.24 37.95
CA PHE D 29 -10.31 -1.88 38.27
C PHE D 29 -9.70 -0.98 37.21
N SER D 30 -10.39 -0.83 36.08
CA SER D 30 -10.13 0.25 35.13
C SER D 30 -11.38 1.10 34.95
N SER D 31 -12.48 0.74 35.61
CA SER D 31 -13.67 1.57 35.71
C SER D 31 -13.39 2.66 36.74
N LEU D 32 -13.08 3.86 36.26
CA LEU D 32 -12.65 4.95 37.12
C LEU D 32 -13.77 5.89 37.53
N ALA D 33 -14.92 5.87 36.84
CA ALA D 33 -15.96 6.86 37.08
C ALA D 33 -17.34 6.22 37.00
N MET D 34 -18.29 6.86 37.68
CA MET D 34 -19.68 6.45 37.71
C MET D 34 -20.53 7.65 37.32
N GLY D 35 -21.72 7.38 36.82
CA GLY D 35 -22.59 8.44 36.34
C GLY D 35 -24.05 8.15 36.60
N TRP D 36 -24.81 9.23 36.82
CA TRP D 36 -26.25 9.18 36.95
C TRP D 36 -26.87 9.72 35.66
N PHE D 37 -27.84 8.98 35.14
CA PHE D 37 -28.63 9.41 33.99
C PHE D 37 -30.10 9.30 34.40
N ARG D 38 -30.95 10.01 33.67
CA ARG D 38 -32.39 9.94 33.90
C ARG D 38 -33.13 9.93 32.58
N GLN D 39 -34.28 9.25 32.57
CA GLN D 39 -35.15 9.21 31.41
C GLN D 39 -36.57 9.53 31.86
N ALA D 40 -37.04 10.73 31.53
CA ALA D 40 -38.44 11.08 31.72
C ALA D 40 -39.26 10.47 30.60
N PRO D 41 -40.55 10.27 30.83
CA PRO D 41 -41.40 9.68 29.78
C PRO D 41 -41.40 10.55 28.53
N GLY D 42 -41.17 9.90 27.38
CA GLY D 42 -41.25 10.56 26.10
C GLY D 42 -40.00 11.32 25.68
N LYS D 43 -38.93 11.23 26.44
CA LYS D 43 -37.68 11.92 26.13
C LYS D 43 -36.55 10.92 26.13
N GLU D 44 -35.39 11.38 25.65
CA GLU D 44 -34.20 10.53 25.64
C GLU D 44 -33.50 10.59 26.99
N ARG D 45 -32.93 9.46 27.39
CA ARG D 45 -32.01 9.42 28.52
C ARG D 45 -31.03 10.57 28.44
N GLU D 46 -30.78 11.22 29.58
CA GLU D 46 -29.89 12.37 29.59
C GLU D 46 -28.96 12.31 30.78
N PHE D 47 -27.77 12.88 30.58
CA PHE D 47 -26.77 12.93 31.62
C PHE D 47 -27.24 13.82 32.77
N VAL D 48 -26.89 13.40 33.99
CA VAL D 48 -27.17 14.17 35.20
C VAL D 48 -25.84 14.54 35.85
N ALA D 49 -25.05 13.54 36.24
CA ALA D 49 -23.84 13.80 36.99
C ALA D 49 -22.89 12.62 36.93
N ALA D 50 -21.61 12.89 37.18
CA ALA D 50 -20.58 11.87 37.17
C ALA D 50 -19.57 12.17 38.27
N ILE D 51 -18.81 11.14 38.65
CA ILE D 51 -17.81 11.29 39.70
C ILE D 51 -16.71 10.25 39.51
N SER D 52 -15.51 10.59 39.94
CA SER D 52 -14.39 9.67 39.97
C SER D 52 -14.38 8.88 41.27
N TRP D 53 -14.09 7.57 41.16
CA TRP D 53 -14.01 6.74 42.36
C TRP D 53 -12.90 7.22 43.28
N SER D 54 -11.72 7.51 42.73
CA SER D 54 -10.56 7.81 43.57
C SER D 54 -10.63 9.24 44.10
N THR D 55 -10.71 10.22 43.20
CA THR D 55 -10.63 11.62 43.59
C THR D 55 -11.96 12.17 44.08
N GLY D 56 -13.08 11.55 43.69
CA GLY D 56 -14.38 12.11 44.02
C GLY D 56 -14.72 13.38 43.29
N ILE D 57 -13.99 13.72 42.23
CA ILE D 57 -14.25 14.94 41.47
C ILE D 57 -15.48 14.74 40.59
N THR D 58 -16.38 15.73 40.60
CA THR D 58 -17.71 15.56 40.04
C THR D 58 -17.96 16.47 38.85
N ASP D 59 -18.99 16.13 38.09
CA ASP D 59 -19.38 16.80 36.85
C ASP D 59 -20.90 16.77 36.79
N TYR D 60 -21.53 17.90 36.44
CA TYR D 60 -22.98 18.02 36.50
C TYR D 60 -23.56 18.65 35.25
N SER D 61 -24.77 18.19 34.86
CA SER D 61 -25.53 18.87 33.84
C SER D 61 -26.10 20.18 34.39
N ASP D 62 -26.32 21.15 33.51
CA ASP D 62 -26.74 22.48 33.95
C ASP D 62 -28.08 22.44 34.67
N SER D 63 -28.97 21.51 34.28
CA SER D 63 -30.30 21.47 34.89
C SER D 63 -30.23 21.19 36.38
N VAL D 64 -29.18 20.52 36.85
CA VAL D 64 -29.10 20.05 38.23
C VAL D 64 -27.99 20.72 39.03
N LYS D 65 -27.09 21.45 38.37
CA LYS D 65 -25.98 22.09 39.08
C LYS D 65 -26.50 22.91 40.25
N GLY D 66 -25.94 22.68 41.44
CA GLY D 66 -26.30 23.39 42.64
C GLY D 66 -27.35 22.71 43.50
N ARG D 67 -28.26 21.97 42.88
CA ARG D 67 -29.31 21.27 43.61
C ARG D 67 -28.96 19.80 43.87
N PHE D 68 -28.27 19.17 42.93
CA PHE D 68 -27.88 17.77 43.05
C PHE D 68 -26.39 17.69 43.38
N THR D 69 -26.05 16.87 44.36
CA THR D 69 -24.67 16.56 44.69
C THR D 69 -24.45 15.08 44.50
N MET D 70 -23.41 14.71 43.78
CA MET D 70 -23.00 13.32 43.66
C MET D 70 -21.82 13.07 44.58
N SER D 71 -21.81 11.91 45.22
CA SER D 71 -20.71 11.50 46.08
C SER D 71 -20.51 10.00 45.92
N ARG D 72 -19.45 9.48 46.54
CA ARG D 72 -19.17 8.06 46.46
C ARG D 72 -18.48 7.59 47.73
N ASP D 73 -18.54 6.28 47.94
CA ASP D 73 -17.89 5.59 49.06
C ASP D 73 -17.07 4.46 48.42
N ASN D 74 -15.77 4.67 48.28
CA ASN D 74 -14.92 3.71 47.60
C ASN D 74 -14.94 2.35 48.31
N ALA D 75 -14.79 2.36 49.64
CA ALA D 75 -14.73 1.10 50.38
C ALA D 75 -15.98 0.25 50.16
N LYS D 76 -17.14 0.91 50.07
CA LYS D 76 -18.42 0.22 49.89
C LYS D 76 -18.78 -0.03 48.43
N SER D 77 -18.09 0.62 47.49
CA SER D 77 -18.46 0.53 46.07
C SER D 77 -19.89 0.99 45.84
N THR D 78 -20.21 2.17 46.38
CA THR D 78 -21.54 2.74 46.29
C THR D 78 -21.42 4.22 45.94
N VAL D 79 -22.35 4.71 45.12
CA VAL D 79 -22.41 6.12 44.76
C VAL D 79 -23.78 6.65 45.11
N TYR D 80 -23.84 7.95 45.37
CA TYR D 80 -25.05 8.57 45.85
C TYR D 80 -25.38 9.78 45.00
N LEU D 81 -26.66 10.15 45.01
CA LEU D 81 -27.12 11.39 44.40
C LEU D 81 -28.03 12.06 45.41
N GLN D 82 -27.53 13.11 46.07
CA GLN D 82 -28.35 13.93 46.96
C GLN D 82 -29.09 14.95 46.09
N MET D 83 -30.40 14.76 45.97
CA MET D 83 -31.25 15.64 45.17
C MET D 83 -32.01 16.55 46.11
N ASN D 84 -31.65 17.83 46.15
CA ASN D 84 -32.38 18.82 46.91
C ASN D 84 -33.11 19.76 45.98
N SER D 85 -33.98 20.59 46.55
CA SER D 85 -34.75 21.59 45.81
C SER D 85 -35.38 20.96 44.56
N LEU D 86 -36.06 19.84 44.75
CA LEU D 86 -36.57 19.08 43.62
C LEU D 86 -37.73 19.83 42.95
N LYS D 87 -37.96 19.48 41.70
CA LYS D 87 -38.94 20.15 40.84
C LYS D 87 -39.64 19.11 39.98
N PRO D 88 -40.87 19.38 39.55
CA PRO D 88 -41.61 18.37 38.77
C PRO D 88 -40.88 17.89 37.53
N GLU D 89 -40.07 18.73 36.88
CA GLU D 89 -39.37 18.28 35.68
C GLU D 89 -38.27 17.27 35.98
N ASP D 90 -37.88 17.10 37.24
CA ASP D 90 -36.91 16.09 37.61
C ASP D 90 -37.49 14.68 37.59
N THR D 91 -38.81 14.54 37.49
CA THR D 91 -39.42 13.21 37.45
C THR D 91 -38.85 12.40 36.30
N ALA D 92 -38.37 11.21 36.62
CA ALA D 92 -37.81 10.30 35.62
C ALA D 92 -37.40 9.02 36.35
N VAL D 93 -37.03 8.01 35.57
CA VAL D 93 -36.32 6.85 36.09
C VAL D 93 -34.84 7.19 36.07
N TYR D 94 -34.19 7.14 37.22
CA TYR D 94 -32.78 7.48 37.33
C TYR D 94 -31.94 6.21 37.23
N TYR D 95 -30.91 6.27 36.41
CA TYR D 95 -30.09 5.11 36.09
C TYR D 95 -28.64 5.39 36.46
N CYS D 96 -27.97 4.33 36.91
CA CYS D 96 -26.57 4.37 37.32
C CYS D 96 -25.75 3.59 36.29
N ALA D 97 -24.53 4.07 36.04
CA ALA D 97 -23.68 3.42 35.05
C ALA D 97 -22.22 3.69 35.36
N ALA D 98 -21.38 2.69 35.06
CA ALA D 98 -19.96 2.94 34.91
C ALA D 98 -19.75 3.74 33.63
N VAL D 99 -19.07 4.87 33.73
CA VAL D 99 -18.99 5.79 32.60
C VAL D 99 -17.53 6.07 32.28
N ASP D 100 -17.31 6.51 31.04
CA ASP D 100 -16.01 6.96 30.59
C ASP D 100 -16.26 8.14 29.67
N ARG D 101 -15.18 8.79 29.26
CA ARG D 101 -15.24 9.88 28.30
C ARG D 101 -13.99 9.82 27.44
N HIS D 102 -14.14 10.31 26.21
CA HIS D 102 -13.01 10.32 25.29
C HIS D 102 -11.88 11.20 25.82
N SER D 103 -12.21 12.40 26.28
CA SER D 103 -11.20 13.35 26.73
C SER D 103 -11.88 14.36 27.64
N PRO D 104 -11.09 15.15 28.37
CA PRO D 104 -11.69 16.16 29.26
C PRO D 104 -12.59 17.11 28.49
N GLY D 105 -13.83 17.24 28.95
CA GLY D 105 -14.81 18.07 28.30
C GLY D 105 -15.77 17.33 27.40
N SER D 106 -15.47 16.09 27.03
CA SER D 106 -16.35 15.36 26.12
C SER D 106 -17.41 14.59 26.91
N ALA D 107 -18.41 14.10 26.18
CA ALA D 107 -19.61 13.57 26.80
C ALA D 107 -19.38 12.22 27.47
N TRP D 108 -20.01 12.04 28.64
CA TRP D 108 -19.93 10.79 29.38
C TRP D 108 -20.80 9.72 28.73
N TYR D 109 -20.30 8.50 28.69
CA TYR D 109 -21.04 7.40 28.08
C TYR D 109 -20.88 6.16 28.95
N ASN D 110 -21.87 5.28 28.84
CA ASN D 110 -21.86 4.01 29.55
C ASN D 110 -20.78 3.11 28.95
N ARG D 111 -19.74 2.83 29.73
CA ARG D 111 -18.63 2.03 29.21
C ARG D 111 -19.04 0.58 28.99
N ASN D 112 -20.12 0.12 29.64
CA ASN D 112 -20.68 -1.20 29.41
C ASN D 112 -21.84 -1.04 28.42
N PHE D 113 -21.49 -1.02 27.13
CA PHE D 113 -22.43 -0.65 26.08
C PHE D 113 -23.77 -1.36 26.26
N GLY D 114 -24.85 -0.58 26.24
CA GLY D 114 -26.19 -1.12 26.33
C GLY D 114 -26.55 -1.76 27.66
N SER D 115 -25.60 -1.89 28.57
CA SER D 115 -25.85 -2.55 29.86
C SER D 115 -26.41 -1.52 30.83
N TRP D 116 -27.69 -1.65 31.15
CA TRP D 116 -28.37 -0.74 32.07
C TRP D 116 -29.22 -1.55 33.02
N GLY D 117 -29.27 -1.11 34.28
CA GLY D 117 -30.11 -1.74 35.28
C GLY D 117 -31.55 -1.24 35.21
N GLN D 118 -32.33 -1.64 36.22
CA GLN D 118 -33.74 -1.28 36.26
C GLN D 118 -33.96 0.19 36.60
N GLY D 119 -32.96 0.87 37.15
CA GLY D 119 -33.11 2.24 37.57
C GLY D 119 -34.05 2.37 38.76
N THR D 120 -34.16 3.56 39.31
CA THR D 120 -35.07 3.82 40.42
C THR D 120 -35.95 5.02 40.05
N GLN D 121 -37.25 4.88 40.34
CA GLN D 121 -38.25 5.85 39.93
C GLN D 121 -38.28 7.04 40.88
N VAL D 122 -38.29 8.24 40.31
CA VAL D 122 -38.42 9.48 41.05
C VAL D 122 -39.61 10.24 40.49
N THR D 123 -40.50 10.68 41.37
CA THR D 123 -41.71 11.41 40.97
C THR D 123 -41.85 12.64 41.85
N VAL D 124 -41.94 13.81 41.22
CA VAL D 124 -42.11 15.06 41.94
C VAL D 124 -43.39 15.75 41.48
N ASN E 15 -14.89 12.47 -21.20
CA ASN E 15 -14.61 12.06 -22.58
C ASN E 15 -13.20 11.47 -22.68
N LEU E 16 -12.18 12.29 -22.43
CA LEU E 16 -10.90 11.75 -22.04
C LEU E 16 -11.02 10.98 -20.74
N LYS E 17 -11.76 11.54 -19.77
CA LYS E 17 -12.07 10.82 -18.54
C LYS E 17 -12.68 9.45 -18.86
N ASP E 18 -13.70 9.44 -19.71
CA ASP E 18 -14.37 8.18 -20.05
C ASP E 18 -13.38 7.19 -20.67
N LYS E 19 -12.42 7.70 -21.45
CA LYS E 19 -11.48 6.80 -22.12
C LYS E 19 -10.50 6.18 -21.13
N PHE E 20 -10.05 6.95 -20.14
CA PHE E 20 -9.27 6.39 -19.04
C PHE E 20 -10.06 5.35 -18.27
N ILE E 21 -11.25 5.74 -17.78
CA ILE E 21 -12.00 4.86 -16.89
C ILE E 21 -12.41 3.59 -17.63
N LYS E 22 -12.79 3.70 -18.90
CA LYS E 22 -13.11 2.50 -19.66
C LYS E 22 -11.88 1.61 -19.83
N HIS E 23 -10.70 2.20 -20.02
CA HIS E 23 -9.48 1.40 -20.06
C HIS E 23 -9.25 0.68 -18.74
N PHE E 24 -9.44 1.38 -17.62
CA PHE E 24 -9.17 0.79 -16.31
C PHE E 24 -10.26 -0.19 -15.85
N THR E 25 -11.48 0.00 -16.32
CA THR E 25 -12.61 -0.83 -15.90
C THR E 25 -12.91 -1.97 -16.86
N GLY E 26 -12.69 -1.75 -18.14
CA GLY E 26 -13.08 -2.72 -19.15
C GLY E 26 -14.57 -2.73 -19.35
N PRO E 27 -15.08 -3.68 -20.13
CA PRO E 27 -16.52 -3.74 -20.41
C PRO E 27 -17.32 -4.07 -19.14
N VAL E 28 -18.25 -3.19 -18.81
CA VAL E 28 -19.15 -3.39 -17.67
C VAL E 28 -20.48 -2.77 -18.02
N THR E 29 -21.54 -3.31 -17.42
CA THR E 29 -22.88 -2.84 -17.71
C THR E 29 -23.64 -2.61 -16.41
N PHE E 30 -24.52 -1.61 -16.43
CA PHE E 30 -25.33 -1.21 -15.30
C PHE E 30 -26.79 -1.24 -15.70
N SER E 31 -27.63 -1.75 -14.81
CA SER E 31 -29.05 -1.87 -15.08
C SER E 31 -29.73 -0.51 -14.96
N PRO E 32 -30.95 -0.38 -15.51
CA PRO E 32 -31.69 0.89 -15.33
C PRO E 32 -31.91 1.23 -13.87
N GLU E 33 -32.07 0.23 -13.00
CA GLU E 33 -32.28 0.46 -11.58
C GLU E 33 -31.03 0.99 -10.88
N CYS E 34 -29.86 0.93 -11.52
CA CYS E 34 -28.63 1.47 -10.97
C CYS E 34 -28.22 2.79 -11.61
N SER E 35 -29.08 3.36 -12.45
CA SER E 35 -28.76 4.64 -13.10
C SER E 35 -28.50 5.73 -12.07
N LYS E 36 -29.33 5.79 -11.02
CA LYS E 36 -29.08 6.77 -9.96
C LYS E 36 -27.75 6.49 -9.26
N HIS E 37 -27.43 5.21 -9.05
CA HIS E 37 -26.16 4.87 -8.41
C HIS E 37 -24.99 5.18 -9.32
N PHE E 38 -25.08 4.81 -10.60
CA PHE E 38 -23.99 5.11 -11.52
C PHE E 38 -23.73 6.61 -11.60
N HIS E 39 -24.78 7.38 -11.89
CA HIS E 39 -24.61 8.83 -12.05
C HIS E 39 -23.99 9.46 -10.81
N ARG E 40 -24.37 8.99 -9.63
CA ARG E 40 -23.80 9.53 -8.40
C ARG E 40 -22.34 9.17 -8.26
N LEU E 41 -22.00 7.91 -8.52
CA LEU E 41 -20.60 7.48 -8.41
C LEU E 41 -19.74 8.16 -9.47
N TYR E 42 -20.22 8.19 -10.71
CA TYR E 42 -19.38 8.65 -11.81
C TYR E 42 -19.19 10.16 -11.78
N TYR E 43 -20.17 10.91 -11.27
CA TYR E 43 -20.17 12.36 -11.38
C TYR E 43 -20.06 13.09 -10.05
N ASN E 44 -20.34 12.44 -8.92
CA ASN E 44 -20.42 13.15 -7.65
C ASN E 44 -19.60 12.46 -6.55
N THR E 45 -18.47 11.84 -6.92
CA THR E 45 -17.51 11.37 -5.94
C THR E 45 -16.14 11.98 -6.23
N ARG E 46 -15.33 12.10 -5.18
CA ARG E 46 -13.94 12.51 -5.34
C ARG E 46 -13.20 11.57 -6.28
N GLU E 47 -13.53 10.27 -6.22
CA GLU E 47 -12.72 9.27 -6.92
C GLU E 47 -12.85 9.41 -8.44
N CYS E 48 -14.06 9.61 -8.93
CA CYS E 48 -14.33 9.66 -10.35
C CYS E 48 -14.22 11.07 -10.92
N SER E 49 -13.86 12.07 -10.12
CA SER E 49 -13.64 13.41 -10.62
C SER E 49 -12.19 13.86 -10.46
N THR E 50 -11.29 12.96 -10.07
CA THR E 50 -9.89 13.28 -9.83
C THR E 50 -9.03 12.30 -10.65
N PRO E 51 -8.30 12.78 -11.66
CA PRO E 51 -7.51 11.84 -12.49
C PRO E 51 -6.58 10.93 -11.70
N ALA E 52 -5.87 11.47 -10.70
CA ALA E 52 -4.99 10.64 -9.89
C ALA E 52 -5.73 9.49 -9.20
N TYR E 53 -7.05 9.57 -9.07
CA TYR E 53 -7.81 8.53 -8.38
C TYR E 53 -8.60 7.63 -9.33
N TYR E 54 -8.43 7.80 -10.64
CA TYR E 54 -9.27 7.08 -11.60
C TYR E 54 -9.21 5.56 -11.40
N LYS E 55 -8.09 5.05 -10.89
CA LYS E 55 -8.04 3.62 -10.56
C LYS E 55 -9.04 3.29 -9.47
N ARG E 56 -9.10 4.10 -8.43
CA ARG E 56 -10.15 3.95 -7.42
C ARG E 56 -11.53 4.04 -8.06
N CYS E 57 -11.74 5.01 -8.96
CA CYS E 57 -13.02 5.09 -9.64
C CYS E 57 -13.37 3.76 -10.30
N ALA E 58 -12.39 3.18 -11.00
CA ALA E 58 -12.66 1.96 -11.76
C ALA E 58 -12.98 0.78 -10.85
N ARG E 59 -12.32 0.68 -9.69
CA ARG E 59 -12.68 -0.38 -8.75
C ARG E 59 -14.12 -0.21 -8.28
N LEU E 60 -14.47 1.01 -7.86
CA LEU E 60 -15.81 1.31 -7.40
C LEU E 60 -16.85 0.95 -8.46
N LEU E 61 -16.66 1.46 -9.69
CA LEU E 61 -17.55 1.12 -10.78
C LEU E 61 -17.62 -0.39 -10.98
N THR E 62 -16.48 -1.06 -10.89
CA THR E 62 -16.47 -2.52 -11.01
C THR E 62 -17.30 -3.16 -9.90
N ARG E 63 -17.20 -2.63 -8.68
CA ARG E 63 -17.95 -3.20 -7.57
C ARG E 63 -19.43 -2.91 -7.69
N LEU E 64 -19.79 -1.73 -8.18
CA LEU E 64 -21.21 -1.43 -8.40
C LEU E 64 -21.80 -2.37 -9.45
N ALA E 65 -21.08 -2.58 -10.56
CA ALA E 65 -21.64 -3.35 -11.67
C ALA E 65 -21.97 -4.79 -11.27
N VAL E 66 -21.17 -5.39 -10.37
CA VAL E 66 -21.42 -6.77 -9.98
C VAL E 66 -22.40 -6.88 -8.81
N SER E 67 -22.87 -5.78 -8.27
CA SER E 67 -23.83 -5.83 -7.18
C SER E 67 -25.14 -6.41 -7.69
N PRO E 68 -25.94 -7.03 -6.80
CA PRO E 68 -27.17 -7.69 -7.27
C PRO E 68 -28.07 -6.77 -8.09
N LEU E 69 -28.18 -5.51 -7.68
CA LEU E 69 -29.14 -4.61 -8.30
C LEU E 69 -28.72 -4.22 -9.71
N CYS E 70 -27.41 -4.17 -9.99
CA CYS E 70 -26.96 -3.76 -11.31
C CYS E 70 -26.72 -4.92 -12.26
N SER E 71 -26.62 -6.15 -11.75
CA SER E 71 -26.32 -7.29 -12.60
C SER E 71 -27.49 -7.65 -13.51
N GLN E 72 -28.71 -7.31 -13.11
CA GLN E 72 -29.92 -7.72 -13.82
C GLN E 72 -29.84 -7.50 -15.33
#